data_3T8M
#
_entry.id   3T8M
#
_cell.length_a   143.219
_cell.length_b   67.651
_cell.length_c   106.627
_cell.angle_alpha   90.000
_cell.angle_beta   95.550
_cell.angle_gamma   90.000
#
_symmetry.space_group_name_H-M   'C 1 2 1'
#
loop_
_entity.id
_entity.type
_entity.pdbx_description
1 polymer 'Phosphatidylinositol-4,5-bisphosphate 3-kinase catalytic subunit gamma isoform'
2 non-polymer N~2~-{2-chloro-4-[(4-methylpiperazin-1-yl)carbonyl]phenyl}-N~2~,N~8~-dimethyl-4,5-dihydrothieno[3,2-d][1]benzoxepine-2,8-dicarboxamide
3 water water
#
_entity_poly.entity_id   1
_entity_poly.type   'polypeptide(L)'
_entity_poly.pdbx_seq_one_letter_code
;MSEESQAFQRQLTALIGYDVTDVSNVHDDELEFTRRGLVTPRMAEVASRDPKLYAMHPWVTSKPLPEYLWKKIANNCIFI
VIHRSTTSQTIKVSPDDTPGAILQSFFTKMAKKKSLMDIPESQSEQDFVLRVCGRDEYLVGETPIKNFQWVRHCLKNGEE
IHVVLDTPPDPALDEVRKEEWPLVDDCTGVTGYHEQLTIHGKDHESVFTVSLWDCDRKFRVKIRGIDIPVLPRNTDLTVF
VEANIQHGQQVLCQRRTSPKPFTEEVLWNVWLEFSIKIKDLPKGALLNLQIYCGKAPALSSKASAESPSSESKGKVQLLY
YVNLLLIDHRFLLRRGEYVLHMWQISGKGEDQGSFNADKLTSATNPDKENSMSISILLDNYCHPIALPKHQPTPDPEGDR
VRAEMPNQLRKQLEAIIATDPLNPLTAEDKELLWHFRYESLKHPKAYPKLFSSVKWGQQEIVAKTYQLLARREVWDQSAL
DVGLTMQLLDCNFSDENVRAIAVQKLESLEDDDVLHYLLQLVQAVKFEPYHDSALARFLLKRGLRNKRIGHFLFWFLRSE
IAQSRHYQQRFAVILEAYLRGCGTAMLHDFTQQVQVIEMLQKVTLDIKSLSAEKYDVSSQVISQLKQKLENLQNSQLPES
FRVPYDPGLKAGALAIEKCKVMASKKKPLWLEFKCADPTALSNETIGIIFKHGDDLRQDMLILQILRIMESIWETESLDL
CLLPYGCISTGDKIGMIEIVKDATTIAKIQQSTVGNTGAFKDEVLNHWLKEKSPTEEKFQAAVERFVYSCAGYCVATFVL
GIGDRHNDNIMITETGNLFHIDFGHILGNYKSFLGINKERVPFVLTPDFLFVMGTSGKKTSPHFQKFQDICVKAYLALRH
HTNLLIILFSMMLMTGMPQLTSKEDIEYIRDALTVGKNEEDAKKYFLDQIEVCRDKGWTVQFNWFLHLVLGIKQGEKHSA
HHHHHH
;
_entity_poly.pdbx_strand_id   A
#
loop_
_chem_comp.id
_chem_comp.type
_chem_comp.name
_chem_comp.formula
3T8 non-polymer N~2~-{2-chloro-4-[(4-methylpiperazin-1-yl)carbonyl]phenyl}-N~2~,N~8~-dimethyl-4,5-dihydrothieno[3,2-d][1]benzoxepine-2,8-dicarboxamide 'C28 H29 Cl N4 O4 S'
#
# COMPACT_ATOMS: atom_id res chain seq x y z
N MET A 1 27.85 26.31 5.69
CA MET A 1 27.03 25.26 6.31
C MET A 1 27.68 24.82 7.63
N SER A 2 27.06 25.23 8.75
CA SER A 2 27.57 24.94 10.09
C SER A 2 27.84 23.47 10.30
N GLU A 3 28.81 23.13 11.16
CA GLU A 3 29.14 21.75 11.46
C GLU A 3 27.95 21.01 12.06
N GLU A 4 27.05 21.78 12.67
CA GLU A 4 25.84 21.23 13.25
C GLU A 4 24.97 20.60 12.17
N SER A 5 24.77 21.36 11.09
CA SER A 5 23.98 20.94 9.93
C SER A 5 24.50 19.64 9.26
N GLN A 6 25.82 19.47 9.19
CA GLN A 6 26.42 18.25 8.62
C GLN A 6 26.04 17.04 9.51
N ALA A 7 26.11 17.21 10.83
CA ALA A 7 25.70 16.17 11.79
C ALA A 7 24.22 15.81 11.61
N PHE A 8 23.43 16.81 11.26
CA PHE A 8 21.99 16.64 11.05
C PHE A 8 21.66 15.78 9.80
N GLN A 9 22.34 16.06 8.69
CA GLN A 9 22.21 15.30 7.42
C GLN A 9 22.58 13.84 7.64
N ARG A 10 23.52 13.63 8.55
CA ARG A 10 24.02 12.33 8.98
C ARG A 10 22.91 11.59 9.69
N GLN A 11 22.14 12.36 10.45
CA GLN A 11 21.03 11.84 11.25
C GLN A 11 19.93 11.39 10.31
N LEU A 12 19.58 12.25 9.36
CA LEU A 12 18.58 11.94 8.38
C LEU A 12 18.99 10.66 7.62
N THR A 13 20.25 10.61 7.19
CA THR A 13 20.75 9.45 6.47
C THR A 13 20.46 8.13 7.21
N ALA A 14 20.67 8.11 8.53
CA ALA A 14 20.42 6.89 9.32
C ALA A 14 18.93 6.56 9.48
N LEU A 15 18.10 7.59 9.44
CA LEU A 15 16.66 7.35 9.50
C LEU A 15 16.15 6.88 8.16
N ILE A 16 16.66 7.47 7.09
CA ILE A 16 16.24 7.16 5.73
C ILE A 16 16.69 5.79 5.31
N GLY A 17 17.97 5.48 5.59
CA GLY A 17 18.58 4.20 5.20
C GLY A 17 19.30 4.37 3.88
N TYR A 18 19.45 5.62 3.45
CA TYR A 18 20.16 5.97 2.21
C TYR A 18 20.79 7.37 2.30
N ASP A 19 21.94 7.57 1.65
CA ASP A 19 22.58 8.89 1.66
C ASP A 19 22.21 9.71 0.41
N VAL A 20 21.28 10.65 0.58
CA VAL A 20 20.84 11.50 -0.54
C VAL A 20 21.90 12.44 -1.08
N THR A 21 23.04 12.53 -0.40
CA THR A 21 24.14 13.38 -0.86
C THR A 21 25.15 12.53 -1.61
N ASP A 22 24.84 11.25 -1.77
CA ASP A 22 25.76 10.37 -2.46
C ASP A 22 25.52 10.64 -3.91
N VAL A 23 26.61 10.95 -4.58
CA VAL A 23 26.62 11.25 -6.00
C VAL A 23 27.30 10.20 -6.90
N SER A 24 27.61 9.06 -6.30
CA SER A 24 28.30 7.96 -6.97
C SER A 24 27.52 7.35 -8.17
N ASN A 25 26.19 7.26 -8.04
CA ASN A 25 25.31 6.59 -9.02
C ASN A 25 24.45 7.51 -9.92
N VAL A 26 24.90 8.71 -10.22
CA VAL A 26 24.10 9.59 -11.04
C VAL A 26 24.94 9.98 -12.23
N HIS A 27 24.24 10.40 -13.28
CA HIS A 27 24.81 10.87 -14.54
C HIS A 27 24.35 12.29 -14.86
N ASP A 28 23.62 12.89 -13.92
CA ASP A 28 23.10 14.26 -14.05
C ASP A 28 22.68 14.74 -12.66
N ASP A 29 22.07 15.92 -12.62
CA ASP A 29 21.62 16.52 -11.37
C ASP A 29 20.16 16.41 -11.00
N GLU A 30 19.41 15.51 -11.65
CA GLU A 30 17.98 15.42 -11.38
C GLU A 30 17.62 15.34 -9.89
N LEU A 31 18.34 14.47 -9.20
CA LEU A 31 18.10 14.27 -7.78
C LEU A 31 18.37 15.51 -6.94
N GLU A 32 19.50 16.16 -7.17
CA GLU A 32 19.84 17.39 -6.42
C GLU A 32 18.83 18.51 -6.73
N PHE A 33 18.50 18.62 -8.01
CA PHE A 33 17.56 19.59 -8.52
C PHE A 33 16.24 19.41 -7.77
N THR A 34 15.83 18.13 -7.65
CA THR A 34 14.60 17.79 -6.95
C THR A 34 14.67 18.10 -5.44
N ARG A 35 15.78 17.76 -4.77
CA ARG A 35 15.89 18.14 -3.37
C ARG A 35 15.62 19.64 -3.22
N ARG A 36 16.22 20.43 -4.10
CA ARG A 36 16.00 21.87 -4.02
C ARG A 36 14.56 22.18 -4.42
N GLY A 37 14.03 21.52 -5.45
CA GLY A 37 12.69 21.87 -5.88
C GLY A 37 11.66 21.66 -4.77
N LEU A 38 11.91 20.66 -3.93
CA LEU A 38 10.96 20.29 -2.89
C LEU A 38 10.99 21.17 -1.64
N VAL A 39 12.02 22.00 -1.53
CA VAL A 39 12.13 22.92 -0.40
C VAL A 39 10.91 23.84 -0.33
N THR A 40 10.50 24.40 -1.46
CA THR A 40 9.35 25.33 -1.49
C THR A 40 8.04 24.69 -0.99
N PRO A 41 7.67 23.54 -1.56
CA PRO A 41 6.43 22.86 -1.16
C PRO A 41 6.49 22.56 0.34
N ARG A 42 7.65 22.11 0.84
CA ARG A 42 7.77 21.84 2.26
C ARG A 42 7.61 23.05 3.12
N MET A 43 8.39 24.09 2.86
CA MET A 43 8.30 25.27 3.72
C MET A 43 6.90 25.83 3.72
N ALA A 44 6.27 25.79 2.55
CA ALA A 44 4.90 26.26 2.37
C ALA A 44 3.86 25.52 3.25
N GLU A 45 4.02 24.21 3.39
CA GLU A 45 3.07 23.43 4.18
C GLU A 45 3.33 23.60 5.67
N VAL A 46 4.60 23.62 6.05
CA VAL A 46 5.01 23.85 7.42
C VAL A 46 4.46 25.23 7.88
N ALA A 47 4.67 26.25 7.06
CA ALA A 47 4.26 27.59 7.42
C ALA A 47 2.74 27.72 7.41
N SER A 48 2.07 26.86 6.64
CA SER A 48 0.62 26.93 6.54
C SER A 48 -0.16 26.18 7.67
N ARG A 49 0.41 25.08 8.19
CA ARG A 49 -0.31 24.24 9.17
C ARG A 49 -0.46 24.85 10.55
N ASP A 50 -1.60 24.56 11.16
CA ASP A 50 -1.94 25.02 12.50
C ASP A 50 -1.19 24.19 13.51
N PRO A 51 -0.35 24.86 14.29
CA PRO A 51 0.48 24.21 15.30
C PRO A 51 -0.27 23.33 16.30
N LYS A 52 -1.46 23.78 16.73
CA LYS A 52 -2.24 23.04 17.73
C LYS A 52 -2.81 21.75 17.15
N LEU A 53 -3.59 21.90 16.09
CA LEU A 53 -4.20 20.76 15.45
C LEU A 53 -3.12 19.82 14.90
N TYR A 54 -1.98 20.39 14.49
CA TYR A 54 -0.90 19.55 13.99
C TYR A 54 -0.31 18.67 15.08
N ALA A 55 -0.20 19.25 16.27
CA ALA A 55 0.38 18.59 17.43
C ALA A 55 -0.54 17.49 17.91
N MET A 56 -1.85 17.71 17.85
CA MET A 56 -2.78 16.70 18.36
C MET A 56 -3.33 15.77 17.30
N HIS A 57 -3.02 16.09 16.05
CA HIS A 57 -3.43 15.27 14.90
C HIS A 57 -4.76 14.52 15.06
N PRO A 58 -5.85 15.23 15.40
CA PRO A 58 -7.13 14.51 15.55
C PRO A 58 -7.48 13.67 14.32
N TRP A 59 -8.03 12.46 14.51
CA TRP A 59 -8.34 11.57 13.39
C TRP A 59 -9.83 11.60 13.15
N VAL A 60 -10.22 12.26 12.07
CA VAL A 60 -11.61 12.56 11.81
C VAL A 60 -12.08 12.19 10.39
N THR A 61 -13.41 12.16 10.19
CA THR A 61 -14.03 11.85 8.91
C THR A 61 -15.29 12.69 8.72
N SER A 62 -15.61 13.00 7.46
CA SER A 62 -16.79 13.78 7.08
C SER A 62 -17.89 12.82 6.67
N LYS A 63 -17.52 11.57 6.53
CA LYS A 63 -18.49 10.56 6.13
C LYS A 63 -19.56 10.39 7.19
N PRO A 64 -20.75 10.00 6.73
CA PRO A 64 -21.87 9.78 7.63
C PRO A 64 -21.66 8.49 8.41
N LEU A 65 -22.25 8.42 9.60
CA LEU A 65 -22.19 7.22 10.42
C LEU A 65 -23.02 6.16 9.69
N PRO A 66 -22.44 4.98 9.44
CA PRO A 66 -23.12 3.88 8.75
C PRO A 66 -24.37 3.39 9.48
N GLU A 67 -25.31 2.80 8.75
CA GLU A 67 -26.54 2.26 9.34
C GLU A 67 -26.22 1.29 10.47
N TYR A 68 -25.33 0.34 10.16
CA TYR A 68 -24.95 -0.72 11.10
C TYR A 68 -24.31 -0.22 12.40
N LEU A 69 -23.99 1.07 12.45
CA LEU A 69 -23.43 1.67 13.65
C LEU A 69 -24.52 2.50 14.36
N TRP A 70 -25.56 2.91 13.62
CA TRP A 70 -26.65 3.65 14.25
C TRP A 70 -27.41 2.67 15.11
N LYS A 71 -27.38 1.41 14.71
CA LYS A 71 -28.06 0.35 15.46
C LYS A 71 -27.70 0.35 16.94
N LYS A 72 -26.44 0.65 17.24
CA LYS A 72 -25.98 0.64 18.61
C LYS A 72 -26.37 1.93 19.35
N ILE A 73 -26.98 2.87 18.63
CA ILE A 73 -27.44 4.09 19.28
C ILE A 73 -28.88 4.36 18.82
N ALA A 74 -29.85 3.91 19.59
CA ALA A 74 -31.26 4.14 19.27
C ALA A 74 -31.85 5.12 20.28
N ASN A 75 -31.05 5.46 21.28
CA ASN A 75 -31.43 6.40 22.32
C ASN A 75 -30.90 7.82 22.06
N ASN A 76 -30.22 7.99 20.92
CA ASN A 76 -29.63 9.26 20.51
C ASN A 76 -28.64 9.78 21.57
N CYS A 77 -28.07 8.85 22.34
CA CYS A 77 -27.12 9.18 23.41
C CYS A 77 -25.85 8.31 23.36
N ILE A 78 -24.71 8.91 23.68
CA ILE A 78 -23.44 8.20 23.72
C ILE A 78 -22.73 8.49 25.02
N PHE A 79 -22.22 7.44 25.66
CA PHE A 79 -21.57 7.59 26.95
C PHE A 79 -20.04 7.65 26.88
N ILE A 80 -19.49 8.77 27.34
CA ILE A 80 -18.04 8.96 27.42
C ILE A 80 -17.61 8.95 28.87
N VAL A 81 -16.61 8.13 29.16
CA VAL A 81 -16.11 8.06 30.50
C VAL A 81 -14.85 8.90 30.63
N ILE A 82 -14.95 10.01 31.33
CA ILE A 82 -13.79 10.86 31.59
C ILE A 82 -13.10 10.42 32.90
N HIS A 83 -11.77 10.51 32.95
CA HIS A 83 -10.98 10.18 34.15
C HIS A 83 -9.99 11.29 34.49
N ARG A 84 -9.68 11.46 35.78
CA ARG A 84 -8.64 12.41 36.14
C ARG A 84 -7.99 12.18 37.50
N SER A 85 -6.96 11.33 37.46
CA SER A 85 -6.19 10.92 38.63
C SER A 85 -6.88 10.12 39.72
N THR A 86 -8.20 10.03 39.79
CA THR A 86 -8.79 9.08 40.75
C THR A 86 -10.15 8.44 40.47
N THR A 87 -11.18 9.27 40.58
CA THR A 87 -12.51 8.90 40.15
C THR A 87 -12.79 9.34 38.74
N SER A 88 -13.89 8.82 38.22
CA SER A 88 -14.28 9.06 36.85
C SER A 88 -15.79 9.05 36.64
N GLN A 89 -16.32 10.21 36.27
CA GLN A 89 -17.74 10.43 36.03
C GLN A 89 -18.07 10.11 34.57
N THR A 90 -19.18 9.41 34.33
CA THR A 90 -19.52 9.03 32.96
C THR A 90 -20.59 9.92 32.37
N ILE A 91 -20.16 10.94 31.63
CA ILE A 91 -21.02 11.91 30.94
C ILE A 91 -21.90 11.33 29.81
N LYS A 92 -23.19 11.61 29.83
CA LYS A 92 -24.08 11.19 28.76
C LYS A 92 -23.94 12.25 27.68
N VAL A 93 -23.80 11.82 26.42
CA VAL A 93 -23.54 12.76 25.33
C VAL A 93 -24.45 12.49 24.13
N SER A 94 -24.64 13.52 23.32
CA SER A 94 -25.41 13.48 22.07
C SER A 94 -24.41 13.38 20.90
N PRO A 95 -24.67 12.47 19.94
CA PRO A 95 -23.81 12.22 18.77
C PRO A 95 -23.40 13.47 17.98
N ASP A 96 -24.07 14.58 18.23
CA ASP A 96 -23.73 15.81 17.53
C ASP A 96 -22.84 16.73 18.38
N ASP A 97 -22.73 16.45 19.66
CA ASP A 97 -21.90 17.27 20.54
C ASP A 97 -20.42 17.31 20.12
N THR A 98 -19.86 18.50 20.29
CA THR A 98 -18.47 18.81 20.01
C THR A 98 -17.66 18.57 21.27
N PRO A 99 -16.38 18.20 21.13
CA PRO A 99 -15.55 17.99 22.33
C PRO A 99 -15.57 19.18 23.29
N GLY A 100 -15.48 20.40 22.76
CA GLY A 100 -15.52 21.56 23.64
C GLY A 100 -16.89 21.74 24.30
N ALA A 101 -17.92 21.19 23.65
CA ALA A 101 -19.30 21.30 24.11
C ALA A 101 -19.58 20.35 25.26
N ILE A 102 -19.15 19.11 25.12
CA ILE A 102 -19.27 18.15 26.20
C ILE A 102 -18.33 18.57 27.35
N LEU A 103 -17.41 19.51 27.09
CA LEU A 103 -16.55 20.08 28.13
C LEU A 103 -17.31 21.16 28.92
N GLN A 104 -18.38 21.67 28.32
CA GLN A 104 -19.25 22.66 28.96
C GLN A 104 -20.26 21.95 29.83
N SER A 105 -20.77 20.83 29.33
CA SER A 105 -21.74 20.01 30.05
C SER A 105 -20.99 19.18 31.09
N PHE A 106 -19.72 19.51 31.31
CA PHE A 106 -18.88 18.83 32.30
C PHE A 106 -18.50 19.85 33.37
N PHE A 107 -17.63 20.78 33.00
CA PHE A 107 -17.15 21.84 33.90
C PHE A 107 -18.28 22.50 34.70
N THR A 108 -19.34 22.88 34.00
CA THR A 108 -20.46 23.52 34.66
C THR A 108 -21.25 22.47 35.43
N LYS A 109 -21.35 21.27 34.84
CA LYS A 109 -22.03 20.14 35.48
C LYS A 109 -21.28 19.74 36.76
N MET A 110 -20.13 20.37 37.01
CA MET A 110 -19.34 20.05 38.19
C MET A 110 -19.04 21.32 39.00
N ALA A 111 -18.13 22.16 38.47
CA ALA A 111 -17.73 23.43 39.08
C ALA A 111 -17.37 23.32 40.57
N GLU A 125 -8.78 27.86 33.05
CA GLU A 125 -9.51 26.70 33.56
C GLU A 125 -10.07 25.84 32.42
N GLN A 126 -10.10 26.37 31.20
CA GLN A 126 -10.60 25.65 30.02
C GLN A 126 -9.44 25.23 29.12
N ASP A 127 -8.24 25.44 29.65
CA ASP A 127 -6.98 25.13 29.00
C ASP A 127 -6.60 23.62 29.00
N PHE A 128 -7.61 22.76 29.05
CA PHE A 128 -7.39 21.31 29.11
C PHE A 128 -7.97 20.65 27.84
N VAL A 129 -7.61 19.39 27.61
CA VAL A 129 -8.06 18.67 26.42
C VAL A 129 -8.32 17.18 26.68
N LEU A 130 -9.25 16.59 25.93
CA LEU A 130 -9.55 15.15 26.03
C LEU A 130 -8.61 14.24 25.22
N ARG A 131 -8.03 13.25 25.89
CA ARG A 131 -7.11 12.29 25.28
C ARG A 131 -7.55 10.87 25.58
N VAL A 132 -7.50 9.99 24.59
CA VAL A 132 -7.86 8.58 24.83
C VAL A 132 -6.91 7.91 25.81
N CYS A 133 -7.45 7.10 26.72
CA CYS A 133 -6.63 6.47 27.73
C CYS A 133 -5.60 5.51 27.13
N GLY A 134 -4.32 5.71 27.48
CA GLY A 134 -3.22 4.86 27.00
C GLY A 134 -2.76 5.05 25.57
N ARG A 135 -3.21 6.14 24.97
CA ARG A 135 -2.88 6.43 23.60
C ARG A 135 -2.52 7.86 23.41
N ASP A 136 -1.73 8.06 22.38
CA ASP A 136 -1.35 9.37 21.95
C ASP A 136 -2.47 9.90 21.02
N GLU A 137 -3.75 9.69 21.38
CA GLU A 137 -4.90 10.09 20.54
C GLU A 137 -5.77 11.17 21.23
N TYR A 138 -6.03 12.25 20.49
CA TYR A 138 -6.75 13.43 20.97
C TYR A 138 -8.08 13.69 20.27
N LEU A 139 -9.09 14.03 21.07
CA LEU A 139 -10.40 14.40 20.55
C LEU A 139 -10.55 15.90 20.65
N VAL A 140 -10.17 16.60 19.59
CA VAL A 140 -10.22 18.06 19.52
C VAL A 140 -10.71 18.56 18.16
N GLY A 141 -10.74 19.88 18.00
CA GLY A 141 -11.20 20.51 16.76
C GLY A 141 -12.71 20.61 16.72
N GLU A 142 -13.23 21.44 15.84
CA GLU A 142 -14.68 21.56 15.79
C GLU A 142 -15.19 20.40 14.94
N THR A 143 -15.55 19.29 15.60
CA THR A 143 -16.05 18.10 14.92
C THR A 143 -17.02 17.36 15.85
N PRO A 144 -18.12 16.81 15.28
CA PRO A 144 -19.06 16.02 16.09
C PRO A 144 -18.31 14.81 16.58
N ILE A 145 -18.52 14.41 17.84
CA ILE A 145 -17.79 13.27 18.38
C ILE A 145 -18.03 12.01 17.56
N LYS A 146 -19.19 11.91 16.93
CA LYS A 146 -19.51 10.74 16.11
C LYS A 146 -18.62 10.68 14.84
N ASN A 147 -17.96 11.79 14.51
CA ASN A 147 -17.07 11.90 13.34
C ASN A 147 -15.61 11.55 13.67
N PHE A 148 -15.35 11.21 14.93
CA PHE A 148 -14.01 10.78 15.33
C PHE A 148 -13.89 9.28 15.10
N GLN A 149 -12.79 8.86 14.48
CA GLN A 149 -12.59 7.43 14.18
C GLN A 149 -12.50 6.53 15.38
N TRP A 150 -11.91 7.05 16.45
CA TRP A 150 -11.75 6.27 17.66
C TRP A 150 -13.12 5.98 18.28
N VAL A 151 -14.02 6.96 18.17
CA VAL A 151 -15.38 6.80 18.70
C VAL A 151 -16.12 5.71 17.91
N ARG A 152 -15.90 5.70 16.58
CA ARG A 152 -16.58 4.72 15.74
C ARG A 152 -15.97 3.35 15.92
N HIS A 153 -14.68 3.32 16.17
CA HIS A 153 -14.00 2.07 16.42
C HIS A 153 -14.55 1.46 17.75
N CYS A 154 -14.81 2.29 18.74
CA CYS A 154 -15.31 1.80 20.02
C CYS A 154 -16.72 1.24 19.94
N LEU A 155 -17.57 1.92 19.19
CA LEU A 155 -18.93 1.45 18.96
C LEU A 155 -18.95 0.14 18.19
N LYS A 156 -18.18 0.08 17.11
CA LYS A 156 -18.15 -1.13 16.28
C LYS A 156 -17.68 -2.36 17.05
N ASN A 157 -16.94 -2.13 18.12
CA ASN A 157 -16.38 -3.19 18.94
C ASN A 157 -17.09 -3.38 20.28
N GLY A 158 -18.23 -2.73 20.43
CA GLY A 158 -18.98 -2.75 21.68
C GLY A 158 -18.18 -2.35 22.91
N GLU A 159 -17.18 -1.49 22.70
CA GLU A 159 -16.34 -0.99 23.78
C GLU A 159 -16.75 0.40 24.24
N GLU A 160 -16.43 0.70 25.50
CA GLU A 160 -16.71 2.00 26.08
C GLU A 160 -15.63 3.00 25.75
N ILE A 161 -16.00 4.27 25.65
CA ILE A 161 -15.06 5.33 25.30
C ILE A 161 -14.48 5.95 26.56
N HIS A 162 -13.25 5.57 26.86
CA HIS A 162 -12.57 6.08 28.04
C HIS A 162 -11.58 7.16 27.63
N VAL A 163 -11.73 8.32 28.26
CA VAL A 163 -10.90 9.48 27.95
C VAL A 163 -10.31 10.07 29.24
N VAL A 164 -9.22 10.82 29.12
CA VAL A 164 -8.60 11.44 30.28
C VAL A 164 -8.43 12.93 30.01
N LEU A 165 -8.68 13.76 31.02
CA LEU A 165 -8.51 15.21 30.90
C LEU A 165 -7.07 15.60 31.20
N ASP A 166 -6.39 16.15 30.20
CA ASP A 166 -5.02 16.62 30.40
C ASP A 166 -4.62 17.88 29.61
N THR A 167 -3.34 18.23 29.70
CA THR A 167 -2.82 19.44 29.10
C THR A 167 -2.40 19.20 27.67
N PRO A 168 -2.75 20.14 26.78
CA PRO A 168 -2.39 20.03 25.37
C PRO A 168 -0.89 19.95 25.16
N PRO A 169 -0.45 19.16 24.18
CA PRO A 169 0.98 19.03 23.91
C PRO A 169 1.52 20.37 23.43
N ASP A 170 2.77 20.65 23.77
CA ASP A 170 3.44 21.91 23.47
C ASP A 170 3.92 21.93 22.00
N PRO A 171 3.31 22.79 21.15
CA PRO A 171 3.68 22.92 19.72
C PRO A 171 5.15 23.29 19.51
N ALA A 172 5.79 23.81 20.56
CA ALA A 172 7.20 24.16 20.54
C ALA A 172 8.02 22.90 20.20
N LEU A 173 7.56 21.75 20.67
CA LEU A 173 8.23 20.47 20.42
C LEU A 173 8.25 20.06 18.93
N ASP A 174 7.44 20.72 18.10
CA ASP A 174 7.40 20.46 16.64
C ASP A 174 8.27 21.41 15.84
N GLU A 175 9.03 22.24 16.53
CA GLU A 175 9.88 23.24 15.90
C GLU A 175 10.69 22.63 14.76
N VAL A 176 10.73 23.28 13.61
CA VAL A 176 11.53 22.75 12.53
C VAL A 176 12.82 23.56 12.40
N ARG A 177 13.97 22.88 12.29
CA ARG A 177 15.28 23.51 12.13
C ARG A 177 15.30 24.33 10.81
N LYS A 178 15.80 25.57 10.85
CA LYS A 178 15.86 26.40 9.64
C LYS A 178 16.71 25.76 8.53
N GLU A 179 16.29 25.95 7.28
CA GLU A 179 17.01 25.37 6.13
C GLU A 179 17.78 26.40 5.34
N GLU A 180 18.80 25.94 4.64
CA GLU A 180 19.63 26.83 3.82
C GLU A 180 20.66 26.02 3.06
N CYS A 215 14.26 21.60 -34.39
CA CYS A 215 15.11 20.86 -35.33
C CYS A 215 14.25 19.76 -35.95
N ASP A 216 14.22 19.70 -37.28
CA ASP A 216 13.38 18.74 -37.99
C ASP A 216 14.11 17.44 -38.34
N ARG A 217 15.31 17.26 -37.79
CA ARG A 217 16.04 16.04 -38.13
C ARG A 217 15.44 14.86 -37.38
N LYS A 218 15.66 13.66 -37.91
CA LYS A 218 15.23 12.43 -37.26
C LYS A 218 16.17 12.20 -36.09
N PHE A 219 15.63 11.63 -35.01
CA PHE A 219 16.42 11.34 -33.81
C PHE A 219 17.32 10.13 -33.98
N ARG A 220 18.56 10.21 -33.48
CA ARG A 220 19.43 9.03 -33.57
C ARG A 220 20.33 8.91 -32.37
N VAL A 221 20.85 7.71 -32.18
CA VAL A 221 21.67 7.45 -31.04
C VAL A 221 22.75 6.46 -31.47
N LYS A 222 23.96 6.70 -30.99
CA LYS A 222 25.05 5.82 -31.31
C LYS A 222 25.27 4.84 -30.20
N ILE A 223 25.29 3.57 -30.56
CA ILE A 223 25.57 2.53 -29.59
C ILE A 223 27.04 2.20 -29.77
N ARG A 224 27.89 2.60 -28.83
CA ARG A 224 29.32 2.26 -28.98
C ARG A 224 29.54 0.78 -28.70
N GLY A 225 29.08 0.32 -27.55
CA GLY A 225 29.26 -1.08 -27.22
C GLY A 225 28.80 -1.44 -25.83
N ILE A 226 29.00 -2.70 -25.46
CA ILE A 226 28.65 -3.19 -24.13
C ILE A 226 29.81 -3.88 -23.45
N ASP A 227 29.81 -3.84 -22.13
CA ASP A 227 30.89 -4.48 -21.39
C ASP A 227 30.35 -5.07 -20.10
N ILE A 228 30.77 -6.30 -19.81
CA ILE A 228 30.40 -7.01 -18.59
C ILE A 228 31.67 -7.70 -18.08
N PRO A 229 31.89 -7.69 -16.77
CA PRO A 229 33.14 -8.30 -16.26
C PRO A 229 33.21 -9.82 -16.46
N VAL A 230 32.15 -10.55 -16.12
CA VAL A 230 32.14 -12.00 -16.38
C VAL A 230 30.79 -12.51 -16.94
N LEU A 231 30.87 -13.06 -18.15
CA LEU A 231 29.75 -13.67 -18.88
C LEU A 231 29.35 -15.15 -18.59
N PRO A 232 30.29 -16.02 -18.12
CA PRO A 232 29.98 -17.46 -18.05
C PRO A 232 28.63 -17.89 -17.47
N ARG A 233 27.80 -18.44 -18.35
CA ARG A 233 26.50 -18.98 -17.98
C ARG A 233 26.51 -20.48 -18.31
N ASN A 234 26.18 -20.85 -19.54
CA ASN A 234 26.34 -22.25 -19.96
C ASN A 234 26.91 -22.39 -21.38
N THR A 235 26.07 -22.13 -22.38
CA THR A 235 26.47 -22.05 -23.79
C THR A 235 26.52 -20.62 -24.36
N ASP A 236 27.67 -20.28 -24.93
CA ASP A 236 27.91 -18.97 -25.53
C ASP A 236 26.90 -18.71 -26.67
N LEU A 237 26.13 -17.64 -26.52
CA LEU A 237 25.12 -17.25 -27.49
C LEU A 237 25.56 -15.95 -28.17
N THR A 238 24.72 -15.44 -29.06
CA THR A 238 24.98 -14.19 -29.75
C THR A 238 24.19 -13.09 -29.02
N VAL A 239 24.45 -11.83 -29.35
CA VAL A 239 23.84 -10.65 -28.68
C VAL A 239 23.67 -9.38 -29.53
N PHE A 240 22.53 -8.71 -29.32
CA PHE A 240 22.26 -7.43 -29.97
C PHE A 240 21.60 -6.45 -28.97
N VAL A 241 21.56 -5.17 -29.36
CA VAL A 241 21.02 -4.13 -28.49
C VAL A 241 19.71 -3.65 -29.08
N GLU A 242 18.65 -3.59 -28.28
CA GLU A 242 17.36 -3.11 -28.79
C GLU A 242 17.09 -1.74 -28.15
N ALA A 243 16.98 -0.71 -28.96
CA ALA A 243 16.70 0.61 -28.46
C ALA A 243 15.27 1.01 -28.79
N ASN A 244 14.52 1.41 -27.77
CA ASN A 244 13.13 1.80 -27.97
C ASN A 244 12.96 3.15 -27.46
N ILE A 245 12.09 3.89 -28.14
CA ILE A 245 11.72 5.18 -27.59
C ILE A 245 10.36 4.95 -27.00
N GLN A 246 10.19 5.14 -25.69
CA GLN A 246 8.87 4.94 -25.11
C GLN A 246 8.31 6.09 -24.37
N HIS A 247 6.98 6.08 -24.28
CA HIS A 247 6.15 7.06 -23.58
C HIS A 247 4.92 6.29 -23.08
N GLY A 248 4.62 6.33 -21.79
CA GLY A 248 3.48 5.62 -21.21
C GLY A 248 3.42 4.16 -21.65
N GLN A 249 4.58 3.50 -21.61
CA GLN A 249 4.77 2.10 -21.99
C GLN A 249 4.11 1.90 -23.33
N GLN A 250 4.56 2.67 -24.30
CA GLN A 250 4.06 2.61 -25.64
C GLN A 250 5.29 2.97 -26.44
N VAL A 251 5.64 2.09 -27.35
CA VAL A 251 6.80 2.29 -28.21
C VAL A 251 6.46 3.17 -29.40
N LEU A 252 7.09 4.32 -29.46
CA LEU A 252 6.92 5.20 -30.61
C LEU A 252 7.79 4.76 -31.82
N CYS A 253 9.01 4.31 -31.54
CA CYS A 253 9.97 3.84 -32.54
C CYS A 253 10.89 2.84 -31.87
N GLN A 254 11.22 1.81 -32.65
CA GLN A 254 12.11 0.75 -32.27
C GLN A 254 13.20 0.53 -33.34
N ARG A 255 14.44 0.37 -32.88
CA ARG A 255 15.64 0.09 -33.71
C ARG A 255 16.48 -1.00 -33.03
N ARG A 256 17.21 -1.80 -33.81
CA ARG A 256 18.09 -2.88 -33.29
C ARG A 256 19.50 -2.78 -33.89
N THR A 257 20.50 -3.37 -33.22
CA THR A 257 21.82 -3.43 -33.80
C THR A 257 21.86 -4.83 -34.42
N SER A 258 22.89 -5.07 -35.24
CA SER A 258 23.10 -6.37 -35.84
C SER A 258 23.57 -7.27 -34.72
N PRO A 259 23.36 -8.58 -34.87
CA PRO A 259 23.81 -9.52 -33.84
C PRO A 259 25.34 -9.61 -33.85
N LYS A 260 25.96 -9.84 -32.70
CA LYS A 260 27.42 -10.03 -32.61
C LYS A 260 27.76 -11.08 -31.57
N PRO A 261 28.98 -11.60 -31.63
CA PRO A 261 29.38 -12.63 -30.66
C PRO A 261 29.41 -12.01 -29.28
N PHE A 262 28.84 -12.72 -28.32
CA PHE A 262 28.75 -12.18 -27.00
C PHE A 262 30.08 -12.44 -26.27
N THR A 263 30.89 -11.39 -26.14
CA THR A 263 32.14 -11.42 -25.39
C THR A 263 32.05 -10.34 -24.33
N GLU A 264 32.97 -10.38 -23.37
CA GLU A 264 32.98 -9.42 -22.27
C GLU A 264 32.97 -7.98 -22.80
N GLU A 265 33.36 -7.80 -24.05
CA GLU A 265 33.26 -6.46 -24.62
C GLU A 265 32.79 -6.55 -26.07
N VAL A 266 31.65 -5.94 -26.36
CA VAL A 266 31.16 -5.95 -27.72
C VAL A 266 31.06 -4.52 -28.22
N LEU A 267 31.76 -4.23 -29.31
CA LEU A 267 31.80 -2.87 -29.85
C LEU A 267 31.19 -2.73 -31.25
N TRP A 268 30.02 -2.13 -31.32
CA TRP A 268 29.31 -1.92 -32.57
C TRP A 268 29.74 -0.61 -33.27
N ASN A 269 29.84 0.47 -32.49
CA ASN A 269 30.13 1.83 -32.98
C ASN A 269 29.14 2.26 -34.08
N VAL A 270 27.87 1.91 -33.84
CA VAL A 270 26.83 2.09 -34.85
C VAL A 270 25.75 3.11 -34.50
N TRP A 271 25.39 3.95 -35.49
CA TRP A 271 24.31 4.91 -35.39
C TRP A 271 22.99 4.18 -35.63
N LEU A 272 22.00 4.45 -34.79
CA LEU A 272 20.66 3.90 -34.93
C LEU A 272 19.81 5.11 -35.20
N GLU A 273 19.25 5.19 -36.40
CA GLU A 273 18.45 6.35 -36.73
C GLU A 273 16.99 5.96 -36.64
N PHE A 274 16.24 6.75 -35.89
CA PHE A 274 14.82 6.51 -35.66
C PHE A 274 13.95 7.32 -36.60
N SER A 275 12.71 6.87 -36.79
CA SER A 275 11.74 7.58 -37.64
C SER A 275 11.20 8.85 -37.00
N ILE A 276 11.18 8.89 -35.67
CA ILE A 276 10.68 10.09 -34.99
C ILE A 276 11.67 11.28 -35.10
N LYS A 277 11.14 12.48 -35.33
CA LYS A 277 11.93 13.71 -35.45
C LYS A 277 12.23 14.22 -34.06
N ILE A 278 13.31 14.96 -33.90
CA ILE A 278 13.64 15.47 -32.60
C ILE A 278 12.53 16.35 -32.02
N LYS A 279 11.99 17.23 -32.87
CA LYS A 279 10.96 18.18 -32.46
C LYS A 279 9.70 17.46 -31.92
N ASP A 280 9.47 16.21 -32.38
CA ASP A 280 8.29 15.43 -32.01
C ASP A 280 8.41 14.64 -30.70
N LEU A 281 9.61 14.58 -30.12
CA LEU A 281 9.84 13.89 -28.85
C LEU A 281 9.04 14.57 -27.75
N PRO A 282 8.15 13.80 -27.10
CA PRO A 282 7.35 14.28 -25.97
C PRO A 282 8.18 14.26 -24.70
N LYS A 283 7.95 15.24 -23.82
CA LYS A 283 8.67 15.28 -22.56
C LYS A 283 8.28 14.02 -21.83
N GLY A 284 9.22 13.38 -21.18
CA GLY A 284 8.85 12.17 -20.47
C GLY A 284 9.11 10.92 -21.28
N ALA A 285 9.59 11.08 -22.50
CA ALA A 285 9.91 9.93 -23.34
C ALA A 285 11.23 9.36 -22.82
N LEU A 286 11.32 8.04 -22.85
CA LEU A 286 12.49 7.29 -22.42
C LEU A 286 13.19 6.61 -23.55
N LEU A 287 14.50 6.63 -23.54
CA LEU A 287 15.22 5.80 -24.48
C LEU A 287 15.49 4.58 -23.62
N ASN A 288 14.81 3.51 -23.99
CA ASN A 288 14.90 2.24 -23.33
C ASN A 288 15.87 1.39 -24.12
N LEU A 289 16.87 0.85 -23.42
CA LEU A 289 17.91 0.05 -24.06
C LEU A 289 17.93 -1.36 -23.48
N GLN A 290 17.89 -2.36 -24.34
CA GLN A 290 17.74 -3.76 -23.94
C GLN A 290 18.72 -4.71 -24.61
N ILE A 291 19.20 -5.74 -23.89
CA ILE A 291 20.14 -6.71 -24.42
C ILE A 291 19.49 -8.07 -24.49
N TYR A 292 19.45 -8.64 -25.70
CA TYR A 292 18.83 -9.95 -25.95
C TYR A 292 19.85 -11.00 -26.32
N CYS A 293 19.63 -12.23 -25.85
CA CYS A 293 20.56 -13.31 -26.13
C CYS A 293 19.84 -14.47 -26.81
N LEU A 318 16.04 -11.81 -23.51
CA LEU A 318 16.29 -10.57 -22.75
C LEU A 318 17.06 -10.74 -21.43
N LEU A 319 18.20 -10.07 -21.38
CA LEU A 319 19.14 -10.21 -20.28
C LEU A 319 19.21 -9.02 -19.35
N TYR A 320 19.34 -7.86 -19.95
CA TYR A 320 19.54 -6.63 -19.23
C TYR A 320 18.76 -5.48 -19.86
N TYR A 321 18.44 -4.49 -19.03
CA TYR A 321 17.82 -3.25 -19.52
C TYR A 321 18.31 -2.03 -18.75
N VAL A 322 18.11 -0.86 -19.33
CA VAL A 322 18.36 0.41 -18.66
C VAL A 322 17.61 1.52 -19.45
N ASN A 323 17.27 2.60 -18.79
CA ASN A 323 16.57 3.71 -19.45
C ASN A 323 17.20 5.07 -19.27
N LEU A 324 16.96 5.95 -20.23
CA LEU A 324 17.51 7.27 -20.11
C LEU A 324 16.42 8.20 -20.62
N LEU A 325 16.03 9.13 -19.77
CA LEU A 325 15.06 10.13 -20.17
C LEU A 325 15.64 10.97 -21.29
N LEU A 326 14.95 11.02 -22.41
CA LEU A 326 15.45 11.75 -23.54
C LEU A 326 15.39 13.24 -23.36
N ILE A 327 14.37 13.72 -22.65
CA ILE A 327 14.32 15.16 -22.36
C ILE A 327 14.44 15.31 -20.84
N ASP A 328 15.37 16.13 -20.35
CA ASP A 328 15.63 16.21 -18.91
C ASP A 328 14.65 17.08 -18.11
N HIS A 329 14.91 17.17 -16.82
CA HIS A 329 14.06 17.93 -15.88
C HIS A 329 14.03 19.43 -16.14
N ARG A 330 14.94 19.91 -16.99
CA ARG A 330 15.02 21.31 -17.44
C ARG A 330 14.41 21.60 -18.83
N PHE A 331 13.75 20.58 -19.42
CA PHE A 331 13.19 20.66 -20.76
C PHE A 331 14.30 20.72 -21.83
N LEU A 332 15.45 20.12 -21.54
CA LEU A 332 16.55 20.12 -22.48
C LEU A 332 16.71 18.75 -23.08
N LEU A 333 17.06 18.70 -24.35
CA LEU A 333 17.29 17.45 -25.03
C LEU A 333 18.61 16.84 -24.53
N ARG A 334 18.61 15.58 -24.12
CA ARG A 334 19.83 14.92 -23.61
C ARG A 334 20.93 14.97 -24.64
N ARG A 335 22.18 15.14 -24.21
CA ARG A 335 23.28 15.19 -25.17
C ARG A 335 24.60 14.74 -24.54
N GLY A 336 25.48 14.19 -25.35
CA GLY A 336 26.78 13.77 -24.84
C GLY A 336 26.93 12.26 -24.77
N GLU A 337 28.00 11.86 -24.07
CA GLU A 337 28.39 10.48 -23.84
C GLU A 337 27.77 9.97 -22.53
N TYR A 338 27.39 8.69 -22.52
CA TYR A 338 26.81 8.04 -21.35
C TYR A 338 27.34 6.60 -21.20
N VAL A 339 27.67 6.19 -19.98
CA VAL A 339 28.05 4.80 -19.75
C VAL A 339 27.06 4.36 -18.65
N LEU A 340 26.07 3.57 -19.07
CA LEU A 340 24.98 3.20 -18.20
C LEU A 340 25.08 1.78 -17.74
N HIS A 341 25.04 1.61 -16.42
CA HIS A 341 25.03 0.28 -15.83
C HIS A 341 23.64 -0.26 -15.70
N MET A 342 23.45 -1.44 -16.27
CA MET A 342 22.13 -2.00 -16.42
C MET A 342 21.68 -2.92 -15.31
N TRP A 343 20.39 -3.23 -15.37
CA TRP A 343 19.70 -4.11 -14.46
C TRP A 343 19.54 -5.42 -15.16
N GLN A 344 19.77 -6.50 -14.42
CA GLN A 344 19.64 -7.84 -14.93
C GLN A 344 18.24 -8.39 -14.66
N ILE A 345 17.64 -9.00 -15.68
CA ILE A 345 16.33 -9.62 -15.53
C ILE A 345 16.35 -10.89 -14.67
N SER A 346 15.35 -11.05 -13.79
CA SER A 346 15.26 -12.26 -12.95
C SER A 346 14.38 -13.33 -13.62
N GLY A 347 14.98 -14.47 -13.97
CA GLY A 347 14.24 -15.53 -14.65
C GLY A 347 13.86 -16.70 -13.77
N PHE A 355 6.80 -5.18 -18.11
CA PHE A 355 5.65 -5.81 -17.46
C PHE A 355 5.42 -5.29 -16.03
N ASN A 356 6.51 -4.89 -15.38
CA ASN A 356 6.48 -4.37 -14.01
C ASN A 356 7.18 -3.00 -13.87
N ALA A 357 6.86 -2.29 -12.80
CA ALA A 357 7.36 -0.95 -12.59
C ALA A 357 8.88 -0.79 -12.60
N ASP A 358 9.60 -1.81 -12.18
CA ASP A 358 11.06 -1.70 -12.14
C ASP A 358 11.66 -1.49 -13.55
N LYS A 359 10.97 -2.01 -14.57
CA LYS A 359 11.47 -1.88 -15.94
C LYS A 359 11.42 -0.47 -16.48
N LEU A 360 10.67 0.38 -15.79
CA LEU A 360 10.54 1.77 -16.24
C LEU A 360 11.49 2.75 -15.59
N THR A 361 12.34 2.29 -14.68
CA THR A 361 13.15 3.24 -13.91
C THR A 361 14.24 3.97 -14.65
N SER A 362 14.40 5.22 -14.26
CA SER A 362 15.47 6.07 -14.85
C SER A 362 16.77 5.89 -14.06
N ALA A 363 16.72 5.10 -12.98
CA ALA A 363 17.93 4.85 -12.19
C ALA A 363 18.81 3.82 -12.89
N THR A 364 20.13 3.87 -12.61
CA THR A 364 21.03 2.89 -13.19
C THR A 364 21.50 2.02 -12.07
N ASN A 365 22.00 0.83 -12.42
CA ASN A 365 22.41 -0.16 -11.43
C ASN A 365 23.58 0.42 -10.58
N PRO A 366 23.41 0.49 -9.25
CA PRO A 366 24.49 1.04 -8.40
C PRO A 366 25.73 0.14 -8.33
N ASP A 367 25.57 -1.15 -8.62
CA ASP A 367 26.69 -2.08 -8.52
C ASP A 367 27.46 -1.94 -9.81
N LYS A 368 28.53 -1.17 -9.77
CA LYS A 368 29.33 -0.94 -10.97
C LYS A 368 30.34 -2.06 -11.20
N GLU A 369 30.59 -2.87 -10.17
CA GLU A 369 31.60 -3.93 -10.22
C GLU A 369 31.15 -5.19 -10.98
N ASN A 370 29.95 -5.69 -10.68
CA ASN A 370 29.48 -6.92 -11.31
C ASN A 370 28.41 -6.75 -12.41
N SER A 371 28.11 -5.53 -12.86
CA SER A 371 27.00 -5.36 -13.79
C SER A 371 27.37 -5.00 -15.25
N MET A 372 26.44 -5.25 -16.16
CA MET A 372 26.58 -4.92 -17.59
C MET A 372 26.49 -3.42 -17.81
N SER A 373 27.29 -2.92 -18.72
CA SER A 373 27.18 -1.52 -18.99
C SER A 373 27.10 -1.34 -20.48
N ILE A 374 26.47 -0.26 -20.88
CA ILE A 374 26.37 0.05 -22.29
C ILE A 374 26.78 1.51 -22.53
N SER A 375 27.60 1.75 -23.53
CA SER A 375 28.05 3.11 -23.80
C SER A 375 27.33 3.65 -25.02
N ILE A 376 26.86 4.89 -24.90
CA ILE A 376 26.13 5.48 -26.01
C ILE A 376 26.51 6.95 -26.20
N LEU A 377 26.19 7.47 -27.37
CA LEU A 377 26.43 8.87 -27.69
C LEU A 377 25.18 9.59 -28.21
N LEU A 378 24.95 10.80 -27.71
CA LEU A 378 23.83 11.63 -28.12
C LEU A 378 24.41 12.98 -28.59
N ASP A 379 24.11 13.40 -29.83
CA ASP A 379 24.63 14.67 -30.38
C ASP A 379 23.59 15.56 -31.02
N ASN A 380 22.36 15.11 -30.96
CA ASN A 380 21.22 15.77 -31.56
C ASN A 380 21.10 17.21 -31.07
N HIS A 383 15.22 23.61 -24.61
CA HIS A 383 15.69 23.39 -25.98
C HIS A 383 14.44 23.10 -26.86
N PRO A 384 13.72 21.96 -26.67
CA PRO A 384 12.49 22.06 -27.46
C PRO A 384 11.39 22.82 -26.73
N ILE A 385 10.18 22.78 -27.28
CA ILE A 385 8.99 23.43 -26.71
C ILE A 385 9.21 24.93 -26.53
N ALA A 386 9.20 25.67 -27.65
CA ALA A 386 9.31 27.14 -27.63
C ALA A 386 8.73 27.80 -28.90
N ARG A 402 -18.87 22.89 -33.34
CA ARG A 402 -20.28 22.61 -33.56
C ARG A 402 -20.45 21.13 -33.87
N ALA A 403 -21.17 20.83 -34.95
CA ALA A 403 -21.14 19.54 -35.64
C ALA A 403 -21.59 18.35 -34.77
N GLU A 404 -22.87 18.02 -34.83
CA GLU A 404 -23.41 17.12 -33.83
C GLU A 404 -23.23 15.66 -34.27
N MET A 405 -22.77 14.81 -33.36
CA MET A 405 -22.58 13.38 -33.59
C MET A 405 -23.85 12.61 -33.98
N PRO A 406 -23.78 11.72 -35.00
CA PRO A 406 -24.98 10.93 -35.29
C PRO A 406 -25.30 9.96 -34.15
N ASN A 407 -26.59 9.62 -33.99
CA ASN A 407 -27.02 8.74 -32.91
C ASN A 407 -26.12 7.48 -32.85
N GLN A 408 -25.93 6.78 -33.97
CA GLN A 408 -25.17 5.52 -33.91
C GLN A 408 -23.66 5.63 -33.62
N LEU A 409 -22.97 6.65 -34.10
CA LEU A 409 -21.57 6.80 -33.72
C LEU A 409 -21.45 7.13 -32.24
N ARG A 410 -22.42 7.91 -31.75
CA ARG A 410 -22.38 8.29 -30.36
C ARG A 410 -22.58 7.10 -29.46
N LYS A 411 -23.40 6.17 -29.93
CA LYS A 411 -23.66 4.92 -29.22
C LYS A 411 -22.39 4.06 -29.18
N GLN A 412 -21.63 4.07 -30.26
CA GLN A 412 -20.40 3.29 -30.31
C GLN A 412 -19.44 3.91 -29.32
N LEU A 413 -19.44 5.24 -29.35
CA LEU A 413 -18.59 6.02 -28.48
C LEU A 413 -18.91 5.71 -27.03
N GLU A 414 -20.19 5.83 -26.66
CA GLU A 414 -20.59 5.57 -25.29
C GLU A 414 -20.32 4.15 -24.88
N ALA A 415 -20.41 3.22 -25.83
CA ALA A 415 -20.11 1.81 -25.52
C ALA A 415 -18.63 1.66 -25.14
N ILE A 416 -17.75 2.27 -25.93
CA ILE A 416 -16.31 2.27 -25.69
C ILE A 416 -15.95 2.81 -24.33
N ILE A 417 -16.64 3.86 -23.97
CA ILE A 417 -16.45 4.54 -22.71
C ILE A 417 -16.91 3.68 -21.53
N ALA A 418 -17.97 2.90 -21.76
CA ALA A 418 -18.51 2.04 -20.72
C ALA A 418 -17.64 0.83 -20.37
N THR A 419 -16.79 0.41 -21.29
CA THR A 419 -15.92 -0.74 -21.09
C THR A 419 -14.98 -0.52 -19.89
N ASP A 420 -14.49 -1.63 -19.38
CA ASP A 420 -13.60 -1.67 -18.23
C ASP A 420 -12.17 -1.17 -18.52
N PRO A 421 -11.42 -0.77 -17.48
CA PRO A 421 -10.05 -0.27 -17.65
C PRO A 421 -9.12 -1.17 -18.46
N LEU A 422 -9.37 -2.47 -18.39
CA LEU A 422 -8.55 -3.47 -19.06
C LEU A 422 -8.99 -3.84 -20.47
N ASN A 423 -10.14 -3.34 -20.91
CA ASN A 423 -10.57 -3.62 -22.27
C ASN A 423 -9.57 -2.98 -23.22
N PRO A 424 -9.11 -3.74 -24.22
CA PRO A 424 -8.15 -3.20 -25.16
C PRO A 424 -8.85 -2.23 -26.12
N LEU A 425 -8.19 -1.12 -26.42
CA LEU A 425 -8.72 -0.14 -27.35
C LEU A 425 -8.22 -0.45 -28.76
N THR A 426 -9.15 -0.71 -29.66
CA THR A 426 -8.79 -1.00 -31.03
C THR A 426 -8.31 0.28 -31.69
N ALA A 427 -7.64 0.12 -32.81
CA ALA A 427 -7.22 1.27 -33.59
C ALA A 427 -8.49 2.03 -33.99
N GLU A 428 -9.57 1.31 -34.33
CA GLU A 428 -10.84 1.98 -34.66
C GLU A 428 -11.36 2.79 -33.49
N ASP A 429 -11.26 2.21 -32.29
CA ASP A 429 -11.76 2.86 -31.08
C ASP A 429 -11.00 4.18 -30.81
N LYS A 430 -9.66 4.15 -30.89
CA LYS A 430 -8.84 5.34 -30.61
C LYS A 430 -9.15 6.51 -31.58
N GLU A 431 -9.28 6.19 -32.84
CA GLU A 431 -9.60 7.19 -33.85
C GLU A 431 -10.95 7.84 -33.54
N LEU A 432 -11.90 7.05 -33.05
CA LEU A 432 -13.22 7.62 -32.70
C LEU A 432 -13.09 8.62 -31.59
N LEU A 433 -12.41 8.18 -30.54
CA LEU A 433 -12.22 8.91 -29.30
C LEU A 433 -11.53 10.27 -29.57
N TRP A 434 -10.57 10.26 -30.50
CA TRP A 434 -9.78 11.43 -30.87
C TRP A 434 -10.56 12.38 -31.75
N HIS A 435 -11.15 11.85 -32.82
CA HIS A 435 -11.94 12.68 -33.70
C HIS A 435 -13.03 13.43 -32.94
N PHE A 436 -13.71 12.68 -32.09
CA PHE A 436 -14.78 13.16 -31.23
C PHE A 436 -14.29 13.61 -29.85
N ARG A 437 -13.08 14.12 -29.86
CA ARG A 437 -12.36 14.67 -28.72
C ARG A 437 -13.21 15.49 -27.76
N TYR A 438 -13.90 16.49 -28.31
CA TYR A 438 -14.66 17.43 -27.47
C TYR A 438 -15.89 16.86 -26.87
N GLU A 439 -16.41 15.83 -27.53
CA GLU A 439 -17.56 15.15 -26.98
C GLU A 439 -17.05 14.25 -25.88
N SER A 440 -15.93 13.57 -26.15
CA SER A 440 -15.29 12.67 -25.18
C SER A 440 -15.00 13.37 -23.87
N LEU A 441 -14.51 14.61 -23.96
CA LEU A 441 -14.19 15.40 -22.77
C LEU A 441 -15.41 15.69 -21.87
N LYS A 442 -16.62 15.36 -22.31
CA LYS A 442 -17.77 15.63 -21.47
C LYS A 442 -18.05 14.43 -20.55
N HIS A 443 -17.23 13.39 -20.65
CA HIS A 443 -17.40 12.19 -19.84
C HIS A 443 -16.09 11.89 -19.13
N PRO A 444 -15.99 12.31 -17.85
CA PRO A 444 -14.79 12.10 -17.01
C PRO A 444 -14.32 10.66 -17.14
N LYS A 445 -15.24 9.69 -17.25
CA LYS A 445 -14.83 8.28 -17.39
C LYS A 445 -14.11 7.94 -18.70
N ALA A 446 -14.24 8.81 -19.69
CA ALA A 446 -13.54 8.61 -20.97
C ALA A 446 -12.10 9.07 -20.91
N TYR A 447 -11.78 9.91 -19.94
CA TYR A 447 -10.44 10.49 -19.85
C TYR A 447 -9.27 9.51 -20.05
N PRO A 448 -9.28 8.36 -19.36
CA PRO A 448 -8.14 7.46 -19.54
C PRO A 448 -8.10 6.88 -20.97
N LYS A 449 -9.26 6.47 -21.49
CA LYS A 449 -9.35 5.91 -22.82
C LYS A 449 -8.96 6.96 -23.88
N LEU A 450 -9.39 8.21 -23.65
CA LEU A 450 -9.09 9.32 -24.57
C LEU A 450 -7.62 9.64 -24.58
N PHE A 451 -6.99 9.72 -23.40
CA PHE A 451 -5.56 10.04 -23.39
C PHE A 451 -4.64 8.92 -23.88
N SER A 452 -5.20 7.69 -23.92
CA SER A 452 -4.51 6.52 -24.52
C SER A 452 -4.75 6.51 -26.02
N SER A 453 -5.53 7.46 -26.49
CA SER A 453 -5.84 7.56 -27.90
C SER A 453 -4.94 8.62 -28.51
N VAL A 454 -4.16 9.26 -27.65
CA VAL A 454 -3.29 10.31 -28.11
C VAL A 454 -2.04 9.75 -28.79
N LYS A 455 -1.63 10.39 -29.89
CA LYS A 455 -0.40 10.02 -30.58
C LYS A 455 0.61 10.95 -29.90
N TRP A 456 1.29 10.44 -28.88
CA TRP A 456 2.23 11.26 -28.10
C TRP A 456 3.50 11.58 -28.91
N GLY A 457 3.75 10.81 -29.96
CA GLY A 457 4.92 11.06 -30.81
C GLY A 457 4.70 12.10 -31.90
N GLN A 458 3.60 12.86 -31.80
CA GLN A 458 3.34 13.94 -32.75
C GLN A 458 3.19 15.26 -32.00
N GLN A 459 4.14 16.18 -32.18
CA GLN A 459 4.05 17.49 -31.52
C GLN A 459 2.70 18.20 -31.69
N GLU A 460 2.16 18.22 -32.90
CA GLU A 460 0.91 18.92 -33.21
C GLU A 460 -0.30 18.34 -32.44
N ILE A 461 -0.34 17.02 -32.33
CA ILE A 461 -1.39 16.30 -31.62
C ILE A 461 -1.31 16.54 -30.13
N VAL A 462 -0.09 16.45 -29.57
CA VAL A 462 0.10 16.73 -28.15
C VAL A 462 -0.39 18.13 -27.84
N ALA A 463 -0.03 19.05 -28.71
CA ALA A 463 -0.42 20.43 -28.55
C ALA A 463 -1.95 20.55 -28.51
N LYS A 464 -2.61 19.82 -29.42
CA LYS A 464 -4.05 19.87 -29.49
C LYS A 464 -4.60 19.32 -28.23
N THR A 465 -3.83 18.39 -27.68
CA THR A 465 -4.20 17.75 -26.44
C THR A 465 -4.12 18.75 -25.32
N TYR A 466 -3.03 19.52 -25.25
CA TYR A 466 -2.95 20.57 -24.21
C TYR A 466 -4.05 21.62 -24.35
N GLN A 467 -4.43 21.89 -25.58
CA GLN A 467 -5.48 22.83 -25.91
C GLN A 467 -6.77 22.24 -25.38
N LEU A 468 -6.87 20.94 -25.55
CA LEU A 468 -8.03 20.22 -25.09
C LEU A 468 -8.12 20.42 -23.58
N LEU A 469 -7.02 20.21 -22.88
CA LEU A 469 -7.01 20.30 -21.41
C LEU A 469 -7.27 21.70 -20.86
N ALA A 470 -7.06 22.71 -21.72
CA ALA A 470 -7.30 24.10 -21.37
C ALA A 470 -8.72 24.36 -20.87
N ARG A 471 -9.72 23.86 -21.59
CA ARG A 471 -11.11 24.03 -21.18
C ARG A 471 -11.46 22.72 -20.49
N ARG A 472 -11.19 22.71 -19.19
CA ARG A 472 -11.32 21.52 -18.37
C ARG A 472 -12.55 21.51 -17.46
N GLU A 473 -13.42 22.50 -17.65
CA GLU A 473 -14.61 22.71 -16.82
C GLU A 473 -15.34 21.43 -16.41
N VAL A 474 -15.65 20.56 -17.36
CA VAL A 474 -16.41 19.34 -17.07
C VAL A 474 -15.70 18.44 -16.04
N TRP A 475 -14.39 18.33 -16.21
CA TRP A 475 -13.57 17.53 -15.32
C TRP A 475 -13.50 18.18 -13.93
N ASP A 476 -13.15 19.46 -13.90
CA ASP A 476 -13.00 20.20 -12.65
C ASP A 476 -14.22 20.18 -11.77
N GLN A 477 -15.41 20.13 -12.35
CA GLN A 477 -16.62 20.11 -11.52
C GLN A 477 -17.17 18.73 -11.28
N SER A 478 -16.49 17.70 -11.81
CA SER A 478 -16.97 16.33 -11.62
C SER A 478 -16.68 15.86 -10.18
N ALA A 479 -17.51 14.97 -9.67
CA ALA A 479 -17.28 14.40 -8.34
C ALA A 479 -16.05 13.50 -8.42
N LEU A 480 -15.17 13.63 -7.43
CA LEU A 480 -13.94 12.86 -7.32
C LEU A 480 -14.25 11.37 -7.42
N ASP A 481 -13.55 10.67 -8.32
CA ASP A 481 -13.70 9.23 -8.51
C ASP A 481 -12.29 8.69 -8.37
N VAL A 482 -12.00 8.11 -7.21
CA VAL A 482 -10.63 7.64 -6.96
C VAL A 482 -10.16 6.63 -8.01
N GLY A 483 -11.04 5.72 -8.41
CA GLY A 483 -10.67 4.74 -9.42
C GLY A 483 -10.24 5.43 -10.71
N LEU A 484 -10.95 6.49 -11.08
CA LEU A 484 -10.64 7.20 -12.30
C LEU A 484 -9.34 7.92 -12.20
N THR A 485 -9.16 8.58 -11.07
CA THR A 485 -7.94 9.32 -10.80
C THR A 485 -6.67 8.44 -10.84
N MET A 486 -6.74 7.29 -10.20
CA MET A 486 -5.61 6.38 -10.16
C MET A 486 -5.30 5.85 -11.55
N GLN A 487 -6.32 5.70 -12.39
CA GLN A 487 -6.09 5.20 -13.75
C GLN A 487 -5.14 6.13 -14.47
N LEU A 488 -5.25 7.43 -14.20
CA LEU A 488 -4.40 8.39 -14.86
C LEU A 488 -2.99 8.51 -14.24
N LEU A 489 -2.74 7.84 -13.10
CA LEU A 489 -1.41 7.79 -12.46
C LEU A 489 -0.59 6.50 -12.70
N ASP A 490 -1.12 5.58 -13.49
CA ASP A 490 -0.45 4.31 -13.67
C ASP A 490 0.60 4.41 -14.78
N CYS A 491 1.14 3.27 -15.20
CA CYS A 491 2.25 3.24 -16.17
C CYS A 491 1.93 3.66 -17.61
N ASN A 492 0.64 3.80 -17.90
CA ASN A 492 0.10 4.18 -19.23
C ASN A 492 0.11 5.64 -19.52
N PHE A 493 0.35 6.48 -18.51
CA PHE A 493 0.41 7.94 -18.78
C PHE A 493 1.73 8.54 -18.31
N SER A 494 2.52 8.99 -19.29
CA SER A 494 3.78 9.63 -18.99
C SER A 494 3.72 11.13 -19.10
N ASP A 495 2.60 11.66 -19.60
CA ASP A 495 2.47 13.10 -19.74
C ASP A 495 2.21 13.82 -18.42
N GLU A 496 3.06 14.83 -18.17
CA GLU A 496 3.02 15.63 -16.94
C GLU A 496 1.64 16.25 -16.68
N ASN A 497 1.09 16.84 -17.74
CA ASN A 497 -0.20 17.52 -17.64
C ASN A 497 -1.36 16.55 -17.41
N VAL A 498 -1.36 15.42 -18.10
CA VAL A 498 -2.41 14.44 -17.87
C VAL A 498 -2.33 13.99 -16.42
N ARG A 499 -1.12 13.73 -15.93
CA ARG A 499 -1.03 13.23 -14.57
C ARG A 499 -1.37 14.31 -13.55
N ALA A 500 -1.07 15.57 -13.85
CA ALA A 500 -1.39 16.66 -12.92
C ALA A 500 -2.89 16.82 -12.66
N ILE A 501 -3.71 16.59 -13.66
CA ILE A 501 -5.13 16.76 -13.42
C ILE A 501 -5.62 15.64 -12.54
N ALA A 502 -4.95 14.49 -12.60
CA ALA A 502 -5.30 13.37 -11.73
C ALA A 502 -4.98 13.89 -10.32
N VAL A 503 -3.74 14.34 -10.13
CA VAL A 503 -3.33 14.87 -8.83
C VAL A 503 -4.19 16.00 -8.30
N GLN A 504 -4.69 16.81 -9.22
CA GLN A 504 -5.57 17.93 -8.88
C GLN A 504 -6.81 17.43 -8.19
N LYS A 505 -7.31 16.28 -8.65
CA LYS A 505 -8.52 15.71 -8.09
C LYS A 505 -8.28 15.13 -6.72
N LEU A 506 -7.07 14.61 -6.50
CA LEU A 506 -6.72 14.04 -5.20
C LEU A 506 -6.71 15.14 -4.13
N GLU A 507 -6.38 16.38 -4.52
CA GLU A 507 -6.32 17.51 -3.58
C GLU A 507 -7.58 17.60 -2.71
N SER A 508 -8.71 17.13 -3.26
CA SER A 508 -9.99 17.20 -2.56
C SER A 508 -10.27 16.02 -1.60
N LEU A 509 -9.30 15.12 -1.42
CA LEU A 509 -9.51 14.01 -0.47
C LEU A 509 -9.29 14.49 0.94
N GLU A 510 -10.10 13.99 1.84
CA GLU A 510 -9.90 14.30 3.24
C GLU A 510 -8.79 13.34 3.72
N ASP A 511 -8.11 13.72 4.80
CA ASP A 511 -7.04 12.96 5.40
C ASP A 511 -7.40 11.48 5.60
N ASP A 512 -8.62 11.22 6.04
CA ASP A 512 -9.09 9.85 6.24
C ASP A 512 -8.99 8.95 5.00
N ASP A 513 -9.21 9.54 3.83
CA ASP A 513 -9.18 8.85 2.56
C ASP A 513 -7.78 8.71 2.06
N VAL A 514 -7.01 9.75 2.31
CA VAL A 514 -5.63 9.69 1.94
C VAL A 514 -4.98 8.47 2.59
N LEU A 515 -5.29 8.22 3.86
CA LEU A 515 -4.74 7.10 4.62
C LEU A 515 -5.15 5.79 4.00
N HIS A 516 -6.34 5.78 3.42
CA HIS A 516 -6.82 4.58 2.77
C HIS A 516 -6.02 4.24 1.50
N TYR A 517 -5.64 5.26 0.78
CA TYR A 517 -4.97 5.09 -0.52
C TYR A 517 -3.49 5.35 -0.52
N LEU A 518 -3.00 5.75 0.65
CA LEU A 518 -1.63 6.20 0.76
C LEU A 518 -0.61 5.30 0.14
N LEU A 519 -0.65 4.03 0.52
CA LEU A 519 0.32 3.06 0.02
C LEU A 519 0.32 2.94 -1.51
N GLN A 520 -0.86 2.91 -2.10
CA GLN A 520 -0.94 2.87 -3.58
C GLN A 520 -0.50 4.15 -4.22
N LEU A 521 -0.79 5.29 -3.59
CA LEU A 521 -0.25 6.55 -4.09
C LEU A 521 1.30 6.56 -4.02
N VAL A 522 1.89 6.06 -2.93
CA VAL A 522 3.35 6.00 -2.82
C VAL A 522 3.87 5.03 -3.89
N GLN A 523 3.24 3.88 -4.04
CA GLN A 523 3.73 3.01 -5.07
C GLN A 523 3.61 3.66 -6.45
N ALA A 524 2.63 4.55 -6.62
CA ALA A 524 2.38 5.13 -7.94
C ALA A 524 3.46 6.13 -8.35
N VAL A 525 4.29 6.49 -7.36
CA VAL A 525 5.41 7.35 -7.63
C VAL A 525 6.37 6.65 -8.57
N LYS A 526 6.31 5.31 -8.60
CA LYS A 526 7.19 4.57 -9.51
C LYS A 526 6.83 4.82 -10.99
N PHE A 527 5.60 5.22 -11.29
CA PHE A 527 5.20 5.47 -12.68
C PHE A 527 5.46 6.93 -13.13
N GLU A 528 5.87 7.81 -12.23
CA GLU A 528 6.25 9.18 -12.60
C GLU A 528 7.62 9.14 -13.34
N PRO A 529 7.72 9.75 -14.53
CA PRO A 529 8.99 9.79 -15.28
C PRO A 529 10.05 10.67 -14.64
N TYR A 530 9.63 11.71 -13.89
CA TYR A 530 10.61 12.56 -13.21
C TYR A 530 10.52 12.43 -11.74
N HIS A 531 11.68 12.67 -11.11
CA HIS A 531 11.75 12.63 -9.66
C HIS A 531 10.84 13.66 -9.01
N ASP A 532 10.85 14.89 -9.50
CA ASP A 532 9.97 15.91 -8.94
C ASP A 532 8.64 15.85 -9.71
N SER A 533 7.52 15.62 -9.02
CA SER A 533 6.28 15.50 -9.73
C SER A 533 5.16 16.00 -8.85
N ALA A 534 4.02 16.26 -9.48
CA ALA A 534 2.86 16.75 -8.77
C ALA A 534 2.45 15.67 -7.75
N LEU A 535 2.50 14.40 -8.16
CA LEU A 535 2.16 13.33 -7.22
C LEU A 535 3.08 13.31 -5.99
N ALA A 536 4.38 13.42 -6.22
CA ALA A 536 5.31 13.41 -5.09
C ALA A 536 5.07 14.59 -4.15
N ARG A 537 4.76 15.75 -4.70
CA ARG A 537 4.56 16.96 -3.90
C ARG A 537 3.29 16.87 -3.08
N PHE A 538 2.27 16.25 -3.65
CA PHE A 538 1.03 16.03 -2.96
C PHE A 538 1.25 15.12 -1.77
N LEU A 539 2.05 14.06 -1.91
CA LEU A 539 2.29 13.19 -0.77
C LEU A 539 3.08 13.99 0.30
N LEU A 540 4.12 14.70 -0.13
CA LEU A 540 4.90 15.56 0.77
C LEU A 540 3.99 16.48 1.60
N LYS A 541 3.11 17.20 0.90
CA LYS A 541 2.18 18.17 1.45
C LYS A 541 1.23 17.51 2.45
N ARG A 542 0.62 16.40 2.03
CA ARG A 542 -0.34 15.78 2.90
C ARG A 542 0.26 15.15 4.16
N GLY A 543 1.46 14.61 4.03
CA GLY A 543 2.21 14.02 5.14
C GLY A 543 2.64 15.06 6.15
N LEU A 544 3.09 16.20 5.63
CA LEU A 544 3.51 17.30 6.48
C LEU A 544 2.34 18.01 7.16
N ARG A 545 1.14 17.84 6.61
CA ARG A 545 -0.06 18.46 7.14
C ARG A 545 -0.64 17.67 8.31
N ASN A 546 -0.43 16.35 8.29
CA ASN A 546 -1.03 15.44 9.29
C ASN A 546 0.04 14.42 9.75
N LYS A 547 0.19 14.29 11.07
CA LYS A 547 1.16 13.43 11.70
C LYS A 547 0.91 11.96 11.41
N ARG A 548 -0.36 11.59 11.30
CA ARG A 548 -0.65 10.18 11.07
C ARG A 548 -0.23 9.81 9.64
N ILE A 549 -0.51 10.69 8.70
CA ILE A 549 -0.13 10.45 7.34
C ILE A 549 1.38 10.54 7.26
N GLY A 550 2.03 11.47 7.98
CA GLY A 550 3.49 11.55 7.89
C GLY A 550 4.18 10.27 8.37
N HIS A 551 3.63 9.72 9.43
CA HIS A 551 4.18 8.53 10.06
C HIS A 551 4.21 7.36 9.10
N PHE A 552 3.05 7.11 8.52
CA PHE A 552 2.91 6.02 7.55
C PHE A 552 3.67 6.30 6.26
N LEU A 553 3.65 7.58 5.87
CA LEU A 553 4.37 7.98 4.68
C LEU A 553 5.82 7.60 4.90
N PHE A 554 6.34 7.89 6.10
CA PHE A 554 7.74 7.53 6.44
C PHE A 554 8.02 6.02 6.25
N TRP A 555 7.25 5.19 6.93
CA TRP A 555 7.46 3.75 6.82
C TRP A 555 7.26 3.19 5.42
N PHE A 556 6.30 3.75 4.68
CA PHE A 556 6.04 3.23 3.32
C PHE A 556 7.20 3.55 2.44
N LEU A 557 7.82 4.70 2.69
CA LEU A 557 8.97 5.12 1.90
C LEU A 557 10.21 4.36 2.32
N ARG A 558 10.43 4.27 3.62
CA ARG A 558 11.58 3.54 4.11
C ARG A 558 11.57 2.08 3.69
N SER A 559 10.39 1.44 3.65
CA SER A 559 10.29 0.03 3.23
C SER A 559 10.86 -0.12 1.81
N GLU A 560 10.50 0.81 0.92
CA GLU A 560 10.93 0.80 -0.48
C GLU A 560 12.37 1.19 -0.62
N ILE A 561 12.80 2.20 0.16
CA ILE A 561 14.21 2.59 0.10
C ILE A 561 15.12 1.45 0.45
N ALA A 562 14.70 0.68 1.45
CA ALA A 562 15.46 -0.45 1.97
C ALA A 562 15.52 -1.64 1.02
N GLN A 563 14.49 -1.90 0.22
CA GLN A 563 14.60 -3.13 -0.55
C GLN A 563 14.49 -3.01 -2.06
N SER A 564 14.21 -1.80 -2.53
CA SER A 564 14.17 -1.52 -3.97
C SER A 564 15.40 -0.72 -4.47
N ARG A 565 16.30 -1.33 -5.24
CA ARG A 565 17.46 -0.59 -5.79
C ARG A 565 16.96 0.34 -6.91
N HIS A 566 15.91 -0.08 -7.59
CA HIS A 566 15.38 0.66 -8.75
C HIS A 566 14.82 2.04 -8.45
N TYR A 567 14.23 2.15 -7.27
CA TYR A 567 13.62 3.40 -6.80
C TYR A 567 14.13 4.08 -5.52
N GLN A 568 15.08 3.49 -4.79
CA GLN A 568 15.52 4.06 -3.52
C GLN A 568 15.99 5.54 -3.59
N GLN A 569 16.61 5.92 -4.71
CA GLN A 569 17.16 7.26 -4.88
C GLN A 569 16.01 8.28 -4.85
N ARG A 570 15.02 8.08 -5.69
CA ARG A 570 13.84 8.94 -5.73
C ARG A 570 13.08 8.96 -4.41
N PHE A 571 12.78 7.79 -3.85
CA PHE A 571 12.06 7.74 -2.58
C PHE A 571 12.86 8.37 -1.41
N ALA A 572 14.19 8.28 -1.46
CA ALA A 572 15.03 8.88 -0.39
C ALA A 572 14.94 10.43 -0.41
N VAL A 573 14.95 11.00 -1.59
CA VAL A 573 14.84 12.43 -1.76
C VAL A 573 13.47 12.84 -1.26
N ILE A 574 12.46 12.04 -1.54
CA ILE A 574 11.13 12.40 -1.05
C ILE A 574 11.06 12.32 0.44
N LEU A 575 11.65 11.28 1.01
CA LEU A 575 11.60 11.08 2.47
C LEU A 575 12.36 12.17 3.20
N GLU A 576 13.55 12.52 2.68
CA GLU A 576 14.36 13.55 3.29
C GLU A 576 13.61 14.86 3.35
N ALA A 577 12.99 15.21 2.24
CA ALA A 577 12.17 16.40 2.16
C ALA A 577 11.12 16.38 3.25
N TYR A 578 10.55 15.20 3.47
CA TYR A 578 9.52 15.07 4.50
C TYR A 578 10.07 15.22 5.91
N LEU A 579 11.21 14.58 6.13
CA LEU A 579 11.88 14.56 7.41
C LEU A 579 12.28 15.95 7.78
N ARG A 580 12.63 16.73 6.77
CA ARG A 580 13.03 18.12 7.00
C ARG A 580 11.86 18.98 7.42
N GLY A 581 10.64 18.46 7.37
CA GLY A 581 9.52 19.29 7.80
C GLY A 581 8.64 18.70 8.88
N CYS A 582 8.85 17.44 9.24
CA CYS A 582 7.93 16.83 10.20
C CYS A 582 8.09 17.39 11.60
N GLY A 583 9.25 17.96 11.93
CA GLY A 583 9.46 18.50 13.28
C GLY A 583 10.35 17.63 14.16
N THR A 584 11.04 18.25 15.12
CA THR A 584 11.98 17.56 16.00
C THR A 584 11.34 16.40 16.79
N ALA A 585 10.08 16.55 17.20
CA ALA A 585 9.37 15.50 17.97
C ALA A 585 9.26 14.19 17.17
N MET A 586 8.65 14.29 15.98
CA MET A 586 8.50 13.15 15.06
C MET A 586 9.87 12.55 14.80
N LEU A 587 10.83 13.41 14.51
CA LEU A 587 12.19 13.00 14.27
C LEU A 587 12.80 12.12 15.38
N HIS A 588 12.53 12.52 16.60
CA HIS A 588 12.99 11.82 17.76
C HIS A 588 12.25 10.49 17.83
N ASP A 589 10.95 10.51 17.56
CA ASP A 589 10.15 9.27 17.53
C ASP A 589 10.61 8.25 16.49
N PHE A 590 10.83 8.71 15.26
CA PHE A 590 11.30 7.86 14.18
C PHE A 590 12.66 7.27 14.56
N THR A 591 13.46 8.10 15.21
CA THR A 591 14.77 7.67 15.67
C THR A 591 14.63 6.51 16.63
N GLN A 592 13.67 6.59 17.55
CA GLN A 592 13.45 5.52 18.54
C GLN A 592 13.03 4.25 17.85
N GLN A 593 12.08 4.39 16.94
CA GLN A 593 11.56 3.26 16.22
C GLN A 593 12.67 2.60 15.42
N VAL A 594 13.47 3.43 14.74
CA VAL A 594 14.53 2.86 13.89
C VAL A 594 15.56 2.16 14.80
N GLN A 595 15.91 2.75 15.93
CA GLN A 595 16.85 2.11 16.85
C GLN A 595 16.30 0.75 17.30
N VAL A 596 15.03 0.72 17.69
CA VAL A 596 14.42 -0.51 18.16
C VAL A 596 14.49 -1.61 17.09
N ILE A 597 14.00 -1.34 15.89
CA ILE A 597 13.98 -2.37 14.86
C ILE A 597 15.39 -2.80 14.48
N GLU A 598 16.35 -1.88 14.52
CA GLU A 598 17.74 -2.25 14.22
C GLU A 598 18.31 -3.25 15.24
N MET A 599 18.00 -3.04 16.52
CA MET A 599 18.44 -3.92 17.60
C MET A 599 17.78 -5.28 17.43
N LEU A 600 16.47 -5.29 17.24
CA LEU A 600 15.74 -6.54 17.05
C LEU A 600 16.23 -7.29 15.82
N GLN A 601 16.69 -6.56 14.82
CA GLN A 601 17.24 -7.20 13.63
C GLN A 601 18.51 -7.96 14.01
N LYS A 602 19.37 -7.28 14.76
CA LYS A 602 20.62 -7.88 15.19
C LYS A 602 20.28 -9.15 15.93
N VAL A 603 19.42 -9.01 16.93
CA VAL A 603 18.99 -10.12 17.74
C VAL A 603 18.42 -11.22 16.87
N THR A 604 17.50 -10.86 16.00
CA THR A 604 16.86 -11.82 15.13
C THR A 604 17.91 -12.65 14.43
N LEU A 605 18.91 -11.97 13.88
CA LEU A 605 19.95 -12.66 13.13
C LEU A 605 20.79 -13.57 14.02
N ASP A 606 21.25 -13.02 15.14
CA ASP A 606 22.08 -13.79 16.06
C ASP A 606 21.37 -15.04 16.53
N ILE A 607 20.08 -14.90 16.87
CA ILE A 607 19.27 -16.04 17.28
C ILE A 607 19.03 -17.02 16.12
N LYS A 608 18.81 -16.52 14.91
CA LYS A 608 18.60 -17.40 13.77
C LYS A 608 19.85 -18.26 13.57
N SER A 609 21.00 -17.65 13.85
CA SER A 609 22.29 -18.33 13.81
C SER A 609 22.43 -19.42 14.88
N LEU A 610 21.93 -19.16 16.09
CA LEU A 610 22.12 -20.14 17.16
C LEU A 610 21.24 -21.39 17.01
N SER A 611 20.64 -21.56 15.83
CA SER A 611 19.77 -22.69 15.58
C SER A 611 19.90 -23.12 14.14
N ALA A 612 19.39 -24.32 13.84
CA ALA A 612 19.43 -24.83 12.49
C ALA A 612 18.37 -24.23 11.61
N GLU A 613 18.06 -25.00 10.57
CA GLU A 613 17.02 -24.65 9.64
C GLU A 613 15.76 -25.40 10.06
N LYS A 614 15.27 -25.25 11.30
CA LYS A 614 14.03 -25.94 11.70
C LYS A 614 14.36 -27.46 11.78
N TYR A 615 14.48 -28.04 12.97
CA TYR A 615 13.46 -28.13 14.05
C TYR A 615 12.96 -26.81 14.72
N ASP A 616 11.85 -26.80 15.50
CA ASP A 616 11.65 -27.26 16.89
C ASP A 616 12.84 -26.63 17.65
N VAL A 617 12.51 -25.70 18.54
CA VAL A 617 13.47 -24.98 19.39
C VAL A 617 13.30 -25.44 20.87
N SER A 618 14.23 -26.14 21.54
CA SER A 618 15.66 -25.88 21.84
C SER A 618 15.54 -24.85 22.96
N SER A 619 15.55 -25.32 24.20
CA SER A 619 15.42 -24.42 25.33
C SER A 619 16.65 -23.54 25.43
N GLN A 620 17.71 -24.01 24.78
CA GLN A 620 18.99 -23.32 24.71
C GLN A 620 18.77 -22.04 23.92
N VAL A 621 18.13 -22.16 22.77
CA VAL A 621 17.90 -21.04 21.87
C VAL A 621 16.96 -19.98 22.49
N ILE A 622 15.97 -20.43 23.23
CA ILE A 622 15.05 -19.49 23.85
C ILE A 622 15.73 -18.73 24.99
N SER A 623 16.51 -19.45 25.80
CA SER A 623 17.23 -18.79 26.87
C SER A 623 18.17 -17.67 26.37
N GLN A 624 19.00 -17.93 25.35
CA GLN A 624 19.93 -16.91 24.80
C GLN A 624 19.17 -15.65 24.35
N LEU A 625 17.95 -15.87 23.87
CA LEU A 625 17.11 -14.78 23.38
C LEU A 625 16.77 -13.91 24.56
N LYS A 626 16.22 -14.54 25.59
CA LYS A 626 15.82 -13.82 26.78
C LYS A 626 17.01 -13.06 27.40
N GLN A 627 18.20 -13.64 27.32
CA GLN A 627 19.39 -12.98 27.87
C GLN A 627 19.70 -11.71 27.05
N LYS A 628 19.76 -11.87 25.73
CA LYS A 628 20.05 -10.79 24.79
C LYS A 628 19.09 -9.63 24.97
N LEU A 629 17.82 -9.95 25.17
CA LEU A 629 16.81 -8.93 25.34
C LEU A 629 17.04 -8.21 26.66
N GLU A 630 17.36 -8.99 27.71
CA GLU A 630 17.69 -8.49 29.05
C GLU A 630 18.86 -7.51 28.93
N ASN A 631 19.78 -7.87 28.03
CA ASN A 631 20.94 -7.02 27.78
C ASN A 631 20.53 -5.71 27.12
N LEU A 632 19.62 -5.79 26.15
CA LEU A 632 19.15 -4.60 25.45
C LEU A 632 18.38 -3.73 26.43
N GLN A 633 17.45 -4.36 27.14
CA GLN A 633 16.59 -3.70 28.11
C GLN A 633 17.34 -2.73 29.03
N ASN A 634 18.61 -2.99 29.22
CA ASN A 634 19.42 -2.18 30.08
C ASN A 634 20.75 -1.74 29.56
N SER A 635 20.83 -0.54 28.99
CA SER A 635 19.92 0.07 28.00
C SER A 635 21.07 0.51 27.11
N GLN A 636 21.13 0.17 25.82
CA GLN A 636 20.81 1.06 24.71
C GLN A 636 19.42 1.12 24.09
N LEU A 637 18.53 0.25 24.52
CA LEU A 637 17.16 0.17 23.98
C LEU A 637 16.31 1.25 24.65
N PRO A 638 15.82 2.22 23.85
CA PRO A 638 15.07 3.35 24.41
C PRO A 638 13.92 3.01 25.33
N GLU A 639 13.66 3.90 26.29
CA GLU A 639 12.59 3.73 27.27
C GLU A 639 11.31 3.30 26.60
N SER A 640 10.98 4.00 25.52
CA SER A 640 9.78 3.69 24.75
C SER A 640 9.92 4.03 23.29
N PHE A 641 8.86 3.73 22.55
CA PHE A 641 8.79 3.98 21.11
C PHE A 641 7.38 3.73 20.64
N ARG A 642 7.00 4.39 19.54
CA ARG A 642 5.65 4.24 19.01
C ARG A 642 5.56 2.98 18.20
N VAL A 643 4.45 2.25 18.31
CA VAL A 643 4.28 1.03 17.51
C VAL A 643 4.13 1.44 16.08
N PRO A 644 5.03 0.97 15.18
CA PRO A 644 4.97 1.40 13.76
C PRO A 644 3.64 1.18 13.05
N TYR A 645 2.93 0.10 13.34
CA TYR A 645 1.65 -0.15 12.68
C TYR A 645 0.50 0.47 13.46
N ASP A 646 0.78 1.06 14.62
CA ASP A 646 -0.29 1.70 15.43
C ASP A 646 0.36 2.84 16.20
N PRO A 647 0.73 3.89 15.49
CA PRO A 647 1.46 5.03 16.04
C PRO A 647 0.85 5.71 17.27
N GLY A 648 -0.45 5.58 17.51
CA GLY A 648 -1.03 6.18 18.71
C GLY A 648 -0.63 5.43 19.97
N LEU A 649 -0.06 4.23 19.78
CA LEU A 649 0.34 3.35 20.88
C LEU A 649 1.83 3.47 21.15
N LYS A 650 2.15 3.63 22.43
CA LYS A 650 3.53 3.79 22.87
C LYS A 650 3.91 2.48 23.56
N ALA A 651 5.00 1.86 23.11
CA ALA A 651 5.45 0.61 23.71
C ALA A 651 6.56 0.86 24.69
N GLY A 652 6.49 0.16 25.79
CA GLY A 652 7.51 0.35 26.81
C GLY A 652 8.56 -0.71 26.86
N ALA A 653 8.86 -1.10 28.09
CA ALA A 653 9.85 -2.13 28.31
C ALA A 653 9.34 -3.48 27.83
N LEU A 654 10.24 -4.34 27.36
CA LEU A 654 9.88 -5.70 26.98
C LEU A 654 9.48 -6.53 28.22
N ALA A 655 8.53 -7.44 28.06
CA ALA A 655 8.20 -8.34 29.15
C ALA A 655 8.94 -9.60 28.72
N ILE A 656 10.21 -9.69 29.11
CA ILE A 656 11.10 -10.75 28.62
C ILE A 656 10.61 -12.18 28.86
N GLU A 657 9.91 -12.39 29.98
CA GLU A 657 9.45 -13.73 30.33
C GLU A 657 8.46 -14.27 29.31
N LYS A 658 7.80 -13.34 28.61
CA LYS A 658 6.79 -13.74 27.65
C LYS A 658 7.32 -13.82 26.22
N CYS A 659 8.56 -13.38 25.99
CA CYS A 659 9.13 -13.41 24.62
C CYS A 659 9.57 -14.81 24.27
N LYS A 660 9.66 -15.07 22.97
CA LYS A 660 10.02 -16.38 22.47
C LYS A 660 10.22 -16.44 20.94
N VAL A 661 10.65 -17.59 20.43
CA VAL A 661 10.84 -17.84 19.00
C VAL A 661 9.72 -18.78 18.59
N MET A 662 9.03 -18.43 17.51
CA MET A 662 7.90 -19.20 17.02
C MET A 662 8.37 -20.43 16.25
N ALA A 663 7.58 -21.50 16.28
CA ALA A 663 8.04 -22.70 15.60
C ALA A 663 7.52 -22.76 14.18
N SER A 664 8.36 -22.28 13.26
CA SER A 664 8.07 -22.29 11.83
C SER A 664 9.41 -22.36 11.08
N LYS A 665 9.37 -22.64 9.77
CA LYS A 665 10.57 -22.74 8.94
C LYS A 665 11.54 -21.60 9.29
N LYS A 666 11.08 -20.37 9.13
CA LYS A 666 11.79 -19.14 9.50
C LYS A 666 11.63 -19.02 11.00
N LYS A 667 12.51 -18.30 11.69
CA LYS A 667 12.40 -18.23 13.14
C LYS A 667 12.04 -16.82 13.62
N PRO A 668 10.77 -16.42 13.44
CA PRO A 668 10.39 -15.08 13.87
C PRO A 668 10.25 -14.95 15.38
N LEU A 669 10.50 -13.75 15.88
CA LEU A 669 10.42 -13.48 17.30
C LEU A 669 9.00 -13.11 17.72
N TRP A 670 8.60 -13.57 18.90
CA TRP A 670 7.30 -13.26 19.48
C TRP A 670 7.67 -12.39 20.65
N LEU A 671 7.50 -11.09 20.46
CA LEU A 671 7.85 -10.12 21.50
C LEU A 671 6.63 -9.53 22.18
N GLU A 672 6.75 -9.23 23.47
CA GLU A 672 5.66 -8.54 24.13
C GLU A 672 6.22 -7.40 24.95
N PHE A 673 5.56 -6.25 24.88
CA PHE A 673 5.95 -5.02 25.57
C PHE A 673 4.87 -4.48 26.48
N LYS A 674 5.31 -3.73 27.49
CA LYS A 674 4.41 -3.00 28.37
C LYS A 674 4.07 -1.69 27.68
N CYS A 675 2.87 -1.18 27.97
CA CYS A 675 2.49 0.11 27.43
C CYS A 675 3.15 1.18 28.31
N ALA A 676 3.81 2.12 27.67
CA ALA A 676 4.50 3.19 28.38
C ALA A 676 3.56 4.30 28.87
N ASP A 677 2.25 4.09 28.75
CA ASP A 677 1.28 5.11 29.13
C ASP A 677 0.53 4.63 30.37
N PRO A 678 0.76 5.31 31.49
CA PRO A 678 0.18 4.96 32.78
C PRO A 678 -1.33 5.09 32.74
N THR A 679 -1.84 6.01 31.92
CA THR A 679 -3.28 6.22 31.80
C THR A 679 -4.04 5.08 31.10
N ALA A 680 -3.31 4.09 30.58
CA ALA A 680 -3.90 2.95 29.87
C ALA A 680 -4.98 2.27 30.70
N LEU A 681 -5.95 1.68 30.01
CA LEU A 681 -7.09 1.04 30.66
C LEU A 681 -6.90 -0.42 31.01
N SER A 682 -5.69 -0.95 30.80
CA SER A 682 -5.47 -2.37 31.05
C SER A 682 -4.02 -2.71 31.38
N ASN A 683 -3.78 -3.99 31.67
CA ASN A 683 -2.44 -4.48 31.94
C ASN A 683 -1.94 -5.30 30.75
N GLU A 684 -2.83 -5.52 29.78
CA GLU A 684 -2.54 -6.31 28.57
C GLU A 684 -1.32 -5.76 27.86
N THR A 685 -0.38 -6.65 27.50
CA THR A 685 0.85 -6.21 26.85
C THR A 685 0.63 -5.97 25.37
N ILE A 686 1.64 -5.39 24.75
CA ILE A 686 1.58 -5.12 23.33
C ILE A 686 2.39 -6.21 22.63
N GLY A 687 1.70 -7.03 21.85
CA GLY A 687 2.37 -8.13 21.19
C GLY A 687 2.77 -7.69 19.82
N ILE A 688 3.96 -8.12 19.41
CA ILE A 688 4.53 -7.81 18.12
C ILE A 688 5.41 -8.97 17.69
N ILE A 689 5.27 -9.37 16.45
CA ILE A 689 6.07 -10.43 15.89
C ILE A 689 7.08 -9.67 15.03
N PHE A 690 8.36 -9.97 15.23
CA PHE A 690 9.43 -9.41 14.43
C PHE A 690 9.97 -10.52 13.52
N LYS A 691 9.98 -10.31 12.21
CA LYS A 691 10.43 -11.40 11.34
C LYS A 691 11.47 -10.97 10.33
N HIS A 692 12.46 -11.85 10.09
CA HIS A 692 13.51 -11.60 9.12
C HIS A 692 13.55 -12.71 8.07
N GLY A 693 13.75 -12.34 6.81
CA GLY A 693 13.88 -13.33 5.76
C GLY A 693 12.78 -13.28 4.72
N ASP A 694 11.79 -12.47 5.01
CA ASP A 694 10.65 -12.31 4.12
C ASP A 694 10.42 -10.85 3.80
N ASP A 695 9.94 -10.65 2.58
CA ASP A 695 9.53 -9.35 2.07
C ASP A 695 8.10 -9.16 2.47
N LEU A 696 7.87 -8.35 3.50
CA LEU A 696 6.50 -8.06 4.03
C LEU A 696 5.64 -7.09 3.20
N ARG A 697 6.22 -6.54 2.13
CA ARG A 697 5.54 -5.58 1.28
C ARG A 697 4.33 -6.17 0.61
N GLN A 698 4.37 -7.44 0.24
CA GLN A 698 3.22 -8.04 -0.41
C GLN A 698 2.11 -8.11 0.63
N ASP A 699 2.42 -8.51 1.85
CA ASP A 699 1.39 -8.50 2.88
C ASP A 699 0.85 -7.13 3.18
N MET A 700 1.68 -6.07 3.29
CA MET A 700 1.14 -4.73 3.57
C MET A 700 0.08 -4.38 2.50
N LEU A 701 0.48 -4.62 1.25
CA LEU A 701 -0.32 -4.35 0.10
C LEU A 701 -1.65 -5.05 0.22
N ILE A 702 -1.59 -6.37 0.48
CA ILE A 702 -2.86 -7.14 0.65
C ILE A 702 -3.68 -6.60 1.81
N LEU A 703 -3.08 -6.45 2.99
CA LEU A 703 -3.81 -5.91 4.15
C LEU A 703 -4.45 -4.53 3.87
N GLN A 704 -3.73 -3.67 3.14
CA GLN A 704 -4.25 -2.32 2.85
C GLN A 704 -5.40 -2.41 1.88
N ILE A 705 -5.33 -3.33 0.92
CA ILE A 705 -6.48 -3.49 0.02
C ILE A 705 -7.68 -3.94 0.75
N LEU A 706 -7.41 -4.75 1.75
CA LEU A 706 -8.46 -5.26 2.60
C LEU A 706 -9.17 -4.09 3.32
N ARG A 707 -8.37 -3.11 3.76
CA ARG A 707 -8.89 -1.92 4.40
C ARG A 707 -9.74 -1.08 3.45
N ILE A 708 -9.32 -1.05 2.18
CA ILE A 708 -10.05 -0.35 1.14
C ILE A 708 -11.38 -1.07 0.90
N MET A 709 -11.38 -2.39 0.85
CA MET A 709 -12.65 -3.10 0.70
C MET A 709 -13.61 -2.82 1.85
N GLU A 710 -13.06 -2.65 3.05
CA GLU A 710 -13.90 -2.38 4.20
C GLU A 710 -14.52 -1.00 4.03
N SER A 711 -13.74 0.01 3.60
CA SER A 711 -14.30 1.35 3.45
C SER A 711 -15.31 1.40 2.32
N ILE A 712 -15.08 0.54 1.32
CA ILE A 712 -15.98 0.47 0.17
C ILE A 712 -17.30 -0.04 0.69
N TRP A 713 -17.21 -1.08 1.51
CA TRP A 713 -18.42 -1.64 2.05
C TRP A 713 -19.10 -0.68 2.98
N GLU A 714 -18.33 0.14 3.68
CA GLU A 714 -18.89 1.14 4.56
C GLU A 714 -19.74 2.09 3.70
N THR A 715 -19.23 2.50 2.53
CA THR A 715 -20.01 3.40 1.65
C THR A 715 -21.35 2.75 1.23
N GLU A 716 -21.54 1.46 1.56
CA GLU A 716 -22.77 0.74 1.23
C GLU A 716 -23.56 0.31 2.47
N SER A 717 -23.10 0.80 3.62
CA SER A 717 -23.71 0.46 4.92
C SER A 717 -23.50 -1.02 5.28
N LEU A 718 -22.37 -1.60 4.89
CA LEU A 718 -22.07 -3.00 5.23
C LEU A 718 -20.84 -3.15 6.11
N ASP A 719 -20.91 -4.08 7.04
CA ASP A 719 -19.78 -4.37 7.90
C ASP A 719 -19.50 -5.86 7.87
N LEU A 720 -18.44 -6.21 7.16
CA LEU A 720 -18.02 -7.60 7.00
C LEU A 720 -17.05 -8.13 8.08
N CYS A 721 -16.73 -7.28 9.05
CA CYS A 721 -15.92 -7.66 10.21
C CYS A 721 -14.55 -8.26 9.89
N LEU A 722 -13.87 -7.70 8.89
CA LEU A 722 -12.55 -8.17 8.52
C LEU A 722 -11.61 -7.79 9.64
N LEU A 723 -10.45 -8.41 9.60
CA LEU A 723 -9.45 -8.14 10.63
C LEU A 723 -8.09 -7.98 9.94
N PRO A 724 -7.85 -6.78 9.40
CA PRO A 724 -6.59 -6.47 8.71
C PRO A 724 -5.65 -6.02 9.79
N TYR A 725 -4.97 -7.01 10.35
CA TYR A 725 -4.07 -6.78 11.44
C TYR A 725 -2.90 -5.90 10.96
N GLY A 726 -2.26 -5.18 11.89
CA GLY A 726 -1.11 -4.35 11.57
C GLY A 726 0.07 -5.13 10.98
N CYS A 727 0.67 -4.60 9.93
CA CYS A 727 1.81 -5.24 9.29
C CYS A 727 2.70 -4.21 8.59
N ILE A 728 3.97 -4.17 8.92
CA ILE A 728 4.86 -3.18 8.33
C ILE A 728 6.24 -3.61 7.92
N SER A 729 6.58 -3.46 6.62
CA SER A 729 7.95 -3.72 6.19
C SER A 729 8.77 -2.54 6.77
N THR A 730 9.72 -2.85 7.66
CA THR A 730 10.55 -1.78 8.25
C THR A 730 11.94 -1.66 7.64
N GLY A 731 12.31 -2.63 6.79
CA GLY A 731 13.61 -2.66 6.17
C GLY A 731 13.76 -3.87 5.29
N ASP A 732 14.99 -4.09 4.79
CA ASP A 732 15.23 -5.16 3.83
C ASP A 732 14.99 -6.52 4.47
N LYS A 733 13.98 -7.22 3.98
CA LYS A 733 13.58 -8.54 4.46
C LYS A 733 13.20 -8.61 5.95
N ILE A 734 12.85 -7.49 6.55
CA ILE A 734 12.46 -7.50 7.95
C ILE A 734 11.25 -6.58 8.23
N GLY A 735 10.47 -6.93 9.25
CA GLY A 735 9.40 -6.06 9.69
C GLY A 735 8.52 -6.56 10.82
N MET A 736 7.47 -5.81 11.07
CA MET A 736 6.57 -6.14 12.13
C MET A 736 5.16 -6.56 11.78
N ILE A 737 4.59 -7.34 12.68
CA ILE A 737 3.25 -7.86 12.49
C ILE A 737 2.60 -7.76 13.85
N GLU A 738 1.35 -7.34 13.85
CA GLU A 738 0.58 -7.21 15.07
C GLU A 738 0.19 -8.61 15.56
N ILE A 739 0.24 -8.83 16.85
CA ILE A 739 -0.22 -10.11 17.36
C ILE A 739 -1.67 -9.89 17.78
N VAL A 740 -2.60 -10.53 17.09
CA VAL A 740 -3.97 -10.40 17.45
C VAL A 740 -4.20 -11.24 18.69
N LYS A 741 -4.69 -10.58 19.73
CA LYS A 741 -4.95 -11.20 21.01
C LYS A 741 -6.06 -12.26 20.95
N ASP A 742 -5.89 -13.33 21.74
CA ASP A 742 -6.89 -14.41 21.83
C ASP A 742 -7.29 -15.03 20.51
N ALA A 743 -6.30 -15.39 19.73
CA ALA A 743 -6.53 -15.89 18.39
C ALA A 743 -5.78 -17.20 18.16
N THR A 744 -6.35 -18.12 17.39
CA THR A 744 -5.62 -19.35 17.09
C THR A 744 -5.77 -19.70 15.62
N THR A 745 -4.93 -20.60 15.17
CA THR A 745 -4.96 -21.07 13.79
C THR A 745 -6.02 -22.12 13.68
N ILE A 746 -6.71 -22.13 12.54
CA ILE A 746 -7.73 -23.15 12.36
C ILE A 746 -7.11 -24.54 12.34
N ALA A 747 -5.88 -24.60 11.85
CA ALA A 747 -5.15 -25.84 11.78
C ALA A 747 -4.78 -26.36 13.18
N LYS A 748 -4.24 -25.49 14.04
CA LYS A 748 -3.80 -25.87 15.40
C LYS A 748 -5.01 -26.47 16.15
N ILE A 749 -6.19 -25.89 15.93
CA ILE A 749 -7.43 -26.39 16.54
C ILE A 749 -7.66 -27.84 16.07
N GLN A 750 -7.51 -28.08 14.77
CA GLN A 750 -7.59 -29.42 14.19
C GLN A 750 -6.52 -30.36 14.81
N GLN A 751 -5.27 -29.90 14.78
CA GLN A 751 -4.10 -30.62 15.29
C GLN A 751 -4.19 -30.98 16.79
N SER A 752 -4.75 -30.09 17.61
CA SER A 752 -4.86 -30.36 19.05
C SER A 752 -5.70 -31.60 19.37
N THR A 753 -6.58 -31.96 18.44
CA THR A 753 -7.41 -33.13 18.61
C THR A 753 -6.80 -34.12 17.63
N VAL A 754 -6.05 -35.10 18.15
CA VAL A 754 -5.37 -36.10 17.33
C VAL A 754 -4.62 -35.32 16.22
N GLY A 755 -5.02 -35.48 14.95
CA GLY A 755 -4.36 -34.79 13.86
C GLY A 755 -3.13 -35.50 13.32
N ASN A 756 -3.20 -36.84 13.34
CA ASN A 756 -2.13 -37.70 12.84
C ASN A 756 -2.20 -37.55 11.33
N THR A 757 -1.14 -37.05 10.73
CA THR A 757 -1.05 -36.87 9.28
C THR A 757 -2.08 -35.83 8.76
N GLY A 758 -2.87 -35.25 9.67
CA GLY A 758 -3.91 -34.29 9.27
C GLY A 758 -5.26 -34.87 8.89
N ALA A 759 -5.81 -35.70 9.77
CA ALA A 759 -7.23 -36.05 9.74
C ALA A 759 -8.04 -34.80 10.04
N PHE A 760 -9.29 -34.76 9.58
CA PHE A 760 -10.11 -33.55 9.74
C PHE A 760 -11.55 -33.87 10.13
N LYS A 761 -11.97 -33.34 11.28
CA LYS A 761 -13.31 -33.55 11.82
C LYS A 761 -14.13 -32.26 11.75
N ASP A 762 -15.36 -32.39 11.29
CA ASP A 762 -16.27 -31.27 11.07
C ASP A 762 -16.72 -30.47 12.30
N GLU A 763 -16.83 -31.10 13.45
CA GLU A 763 -17.41 -30.43 14.62
C GLU A 763 -16.43 -29.71 15.56
N VAL A 764 -15.13 -29.89 15.34
CA VAL A 764 -14.09 -29.33 16.21
C VAL A 764 -14.23 -27.83 16.44
N LEU A 765 -14.47 -27.10 15.36
CA LEU A 765 -14.53 -25.65 15.43
C LEU A 765 -15.64 -25.17 16.34
N ASN A 766 -16.85 -25.69 16.12
CA ASN A 766 -17.99 -25.31 16.94
C ASN A 766 -17.72 -25.57 18.44
N HIS A 767 -17.12 -26.73 18.76
CA HIS A 767 -16.77 -27.10 20.15
C HIS A 767 -15.81 -26.07 20.76
N TRP A 768 -14.79 -25.70 20.00
CA TRP A 768 -13.80 -24.72 20.42
C TRP A 768 -14.44 -23.41 20.83
N LEU A 769 -15.31 -22.91 19.95
CA LEU A 769 -15.99 -21.64 20.21
C LEU A 769 -16.86 -21.68 21.45
N LYS A 770 -17.53 -22.80 21.65
CA LYS A 770 -18.40 -22.93 22.79
C LYS A 770 -17.58 -23.00 24.07
N GLU A 771 -16.41 -23.65 24.02
CA GLU A 771 -15.57 -23.78 25.23
C GLU A 771 -14.86 -22.47 25.63
N LYS A 772 -14.59 -21.61 24.64
CA LYS A 772 -13.96 -20.32 24.90
C LYS A 772 -14.99 -19.25 25.27
N SER A 773 -16.27 -19.59 25.12
CA SER A 773 -17.35 -18.68 25.52
C SER A 773 -17.73 -18.89 26.99
N PRO A 774 -17.79 -17.80 27.76
CA PRO A 774 -18.18 -17.88 29.16
C PRO A 774 -19.68 -18.17 29.30
N THR A 775 -20.44 -17.80 28.27
CA THR A 775 -21.90 -17.98 28.26
C THR A 775 -22.37 -18.31 26.84
N GLU A 776 -23.62 -18.77 26.74
CA GLU A 776 -24.25 -19.06 25.47
C GLU A 776 -24.43 -17.77 24.68
N GLU A 777 -24.65 -16.68 25.40
CA GLU A 777 -24.83 -15.37 24.77
C GLU A 777 -23.60 -15.04 23.96
N LYS A 778 -22.47 -15.04 24.66
CA LYS A 778 -21.19 -14.74 24.02
C LYS A 778 -20.94 -15.75 22.89
N PHE A 779 -21.38 -16.99 23.08
CA PHE A 779 -21.24 -18.02 22.05
C PHE A 779 -22.07 -17.69 20.81
N GLN A 780 -23.27 -17.16 21.02
CA GLN A 780 -24.12 -16.83 19.87
C GLN A 780 -23.50 -15.66 19.11
N ALA A 781 -22.93 -14.72 19.87
CA ALA A 781 -22.29 -13.53 19.29
C ALA A 781 -21.11 -13.96 18.44
N ALA A 782 -20.37 -14.94 18.97
CA ALA A 782 -19.23 -15.54 18.27
C ALA A 782 -19.63 -16.19 16.96
N VAL A 783 -20.76 -16.89 16.98
CA VAL A 783 -21.17 -17.58 15.78
C VAL A 783 -21.58 -16.61 14.72
N GLU A 784 -22.31 -15.60 15.14
CA GLU A 784 -22.76 -14.57 14.25
C GLU A 784 -21.57 -13.83 13.63
N ARG A 785 -20.65 -13.35 14.47
CA ARG A 785 -19.45 -12.67 13.99
C ARG A 785 -18.67 -13.55 13.01
N PHE A 786 -18.71 -14.87 13.25
CA PHE A 786 -18.03 -15.81 12.38
C PHE A 786 -18.63 -15.86 11.01
N VAL A 787 -19.94 -15.76 10.97
CA VAL A 787 -20.69 -15.79 9.71
C VAL A 787 -20.32 -14.57 8.87
N TYR A 788 -20.38 -13.41 9.50
CA TYR A 788 -19.99 -12.15 8.88
C TYR A 788 -18.52 -12.18 8.43
N SER A 789 -17.61 -12.57 9.33
CA SER A 789 -16.16 -12.56 9.00
C SER A 789 -15.81 -13.57 7.93
N CYS A 790 -16.50 -14.72 7.98
CA CYS A 790 -16.28 -15.75 6.99
C CYS A 790 -16.69 -15.26 5.63
N ALA A 791 -17.83 -14.57 5.59
CA ALA A 791 -18.35 -14.06 4.34
C ALA A 791 -17.41 -13.04 3.71
N GLY A 792 -16.99 -12.06 4.51
CA GLY A 792 -16.05 -11.07 4.03
C GLY A 792 -14.74 -11.61 3.43
N TYR A 793 -14.12 -12.55 4.14
CA TYR A 793 -12.88 -13.14 3.65
C TYR A 793 -13.10 -14.03 2.42
N CYS A 794 -14.27 -14.66 2.28
CA CYS A 794 -14.52 -15.48 1.11
C CYS A 794 -14.60 -14.60 -0.14
N VAL A 795 -15.29 -13.46 0.00
CA VAL A 795 -15.48 -12.55 -1.10
C VAL A 795 -14.21 -11.82 -1.52
N ALA A 796 -13.59 -11.16 -0.54
CA ALA A 796 -12.33 -10.43 -0.74
C ALA A 796 -11.25 -11.32 -1.35
N THR A 797 -11.11 -12.52 -0.78
CA THR A 797 -10.05 -13.43 -1.19
C THR A 797 -10.31 -13.94 -2.61
N PHE A 798 -11.57 -14.17 -2.98
CA PHE A 798 -11.87 -14.64 -4.34
C PHE A 798 -11.48 -13.57 -5.36
N VAL A 799 -11.88 -12.33 -5.07
CA VAL A 799 -11.63 -11.19 -5.95
C VAL A 799 -10.15 -10.96 -6.21
N LEU A 800 -9.39 -11.11 -5.13
CA LEU A 800 -7.96 -10.95 -5.21
C LEU A 800 -7.23 -12.19 -5.72
N GLY A 801 -7.97 -13.26 -6.01
CA GLY A 801 -7.35 -14.46 -6.53
C GLY A 801 -6.38 -15.11 -5.56
N ILE A 802 -6.61 -14.91 -4.27
CA ILE A 802 -5.78 -15.49 -3.20
C ILE A 802 -6.55 -16.46 -2.32
N GLY A 803 -7.69 -16.93 -2.86
CA GLY A 803 -8.61 -17.77 -2.13
C GLY A 803 -8.24 -19.19 -1.73
N ASP A 804 -7.37 -19.85 -2.52
CA ASP A 804 -7.02 -21.27 -2.26
C ASP A 804 -5.87 -21.31 -1.27
N ARG A 805 -6.20 -21.48 0.00
CA ARG A 805 -5.20 -21.46 1.06
C ARG A 805 -5.21 -22.69 1.96
N HIS A 806 -4.06 -22.99 2.54
CA HIS A 806 -3.93 -24.06 3.52
C HIS A 806 -4.47 -23.56 4.87
N ASN A 807 -5.12 -24.44 5.61
CA ASN A 807 -5.68 -24.19 6.95
C ASN A 807 -4.74 -23.45 7.92
N ASP A 808 -3.43 -23.62 7.73
CA ASP A 808 -2.43 -23.02 8.62
C ASP A 808 -2.27 -21.50 8.39
N ASN A 809 -2.82 -21.02 7.28
CA ASN A 809 -2.80 -19.63 6.85
C ASN A 809 -4.11 -18.87 7.20
N ILE A 810 -4.98 -19.49 8.02
CA ILE A 810 -6.27 -18.86 8.41
C ILE A 810 -6.50 -18.95 9.90
N MET A 811 -6.80 -17.81 10.51
CA MET A 811 -7.02 -17.83 11.94
C MET A 811 -8.44 -17.44 12.38
N ILE A 812 -8.68 -17.59 13.67
CA ILE A 812 -9.94 -17.18 14.25
C ILE A 812 -9.72 -16.72 15.72
N THR A 813 -10.46 -15.69 16.11
CA THR A 813 -10.41 -15.18 17.46
C THR A 813 -11.37 -15.95 18.33
N GLU A 814 -11.16 -15.91 19.63
CA GLU A 814 -12.03 -16.65 20.55
C GLU A 814 -13.41 -16.01 20.47
N THR A 815 -13.46 -14.78 19.96
CA THR A 815 -14.73 -14.07 19.85
C THR A 815 -15.49 -14.32 18.52
N GLY A 816 -15.01 -15.28 17.73
CA GLY A 816 -15.66 -15.65 16.48
C GLY A 816 -15.13 -14.97 15.21
N ASN A 817 -14.20 -14.03 15.34
CA ASN A 817 -13.74 -13.35 14.13
C ASN A 817 -12.74 -14.19 13.34
N LEU A 818 -13.14 -14.62 12.16
CA LEU A 818 -12.25 -15.35 11.26
C LEU A 818 -11.42 -14.34 10.48
N PHE A 819 -10.18 -14.73 10.12
CA PHE A 819 -9.31 -13.85 9.34
C PHE A 819 -8.11 -14.56 8.74
N HIS A 820 -7.71 -14.16 7.54
CA HIS A 820 -6.54 -14.73 6.84
C HIS A 820 -5.20 -14.12 7.25
N ILE A 821 -4.12 -14.88 7.07
CA ILE A 821 -2.79 -14.37 7.38
C ILE A 821 -1.75 -14.81 6.35
N ASP A 822 -0.49 -14.48 6.60
CA ASP A 822 0.63 -14.90 5.72
C ASP A 822 0.34 -14.78 4.21
N PHE A 823 0.11 -13.56 3.71
CA PHE A 823 -0.14 -13.37 2.28
C PHE A 823 1.09 -13.41 1.39
N GLY A 824 2.27 -13.63 1.98
CA GLY A 824 3.50 -13.78 1.19
C GLY A 824 3.29 -14.93 0.19
N HIS A 825 3.37 -14.56 -1.10
CA HIS A 825 3.25 -15.43 -2.29
C HIS A 825 2.57 -16.77 -2.08
N GLU A 839 -6.45 -30.34 -8.77
CA GLU A 839 -7.73 -29.73 -8.42
C GLU A 839 -7.51 -28.41 -7.69
N ARG A 840 -8.48 -27.51 -7.85
CA ARG A 840 -8.40 -26.17 -7.28
C ARG A 840 -9.71 -25.78 -6.59
N VAL A 841 -9.69 -24.72 -5.80
CA VAL A 841 -10.89 -24.22 -5.13
C VAL A 841 -10.84 -22.65 -5.11
N PRO A 842 -11.99 -21.95 -5.25
CA PRO A 842 -12.04 -20.47 -5.29
C PRO A 842 -11.68 -19.76 -3.98
N PHE A 843 -12.00 -20.41 -2.87
CA PHE A 843 -11.71 -19.95 -1.51
C PHE A 843 -11.91 -21.06 -0.48
N VAL A 844 -11.76 -20.72 0.79
CA VAL A 844 -11.87 -21.71 1.86
C VAL A 844 -13.18 -21.61 2.61
N LEU A 845 -14.02 -22.61 2.43
CA LEU A 845 -15.27 -22.68 3.17
C LEU A 845 -15.42 -24.17 3.40
N THR A 846 -14.83 -24.61 4.49
CA THR A 846 -14.81 -26.02 4.82
C THR A 846 -16.03 -26.46 5.66
N PRO A 847 -16.31 -27.77 5.71
CA PRO A 847 -17.42 -28.39 6.44
C PRO A 847 -17.52 -27.94 7.90
N ASP A 848 -16.37 -27.66 8.55
CA ASP A 848 -16.38 -27.17 9.93
C ASP A 848 -16.97 -25.76 10.00
N PHE A 849 -16.62 -24.92 9.02
CA PHE A 849 -17.15 -23.55 8.98
C PHE A 849 -18.64 -23.75 8.77
N LEU A 850 -18.97 -24.66 7.86
CA LEU A 850 -20.35 -24.99 7.52
C LEU A 850 -21.08 -25.51 8.78
N PHE A 851 -20.38 -26.32 9.58
CA PHE A 851 -20.94 -26.89 10.82
C PHE A 851 -21.35 -25.81 11.82
N VAL A 852 -20.53 -24.77 11.90
CA VAL A 852 -20.80 -23.64 12.78
C VAL A 852 -22.04 -22.91 12.25
N MET A 853 -22.29 -23.05 10.96
CA MET A 853 -23.40 -22.38 10.28
C MET A 853 -24.70 -23.16 10.48
N GLY A 854 -24.61 -24.25 11.23
CA GLY A 854 -25.77 -25.08 11.51
C GLY A 854 -26.08 -26.04 10.39
N THR A 855 -25.16 -26.17 9.43
CA THR A 855 -25.38 -27.07 8.30
C THR A 855 -24.33 -28.18 8.25
N SER A 856 -24.65 -29.27 7.55
CA SER A 856 -23.74 -30.38 7.36
C SER A 856 -24.27 -31.25 6.24
N GLY A 857 -23.39 -31.82 5.43
CA GLY A 857 -23.83 -32.71 4.36
C GLY A 857 -24.75 -32.07 3.35
N LYS A 858 -24.30 -30.95 2.78
CA LYS A 858 -25.06 -30.19 1.79
C LYS A 858 -26.56 -29.96 2.10
N LYS A 859 -26.81 -29.31 3.24
CA LYS A 859 -28.16 -28.96 3.69
C LYS A 859 -28.29 -27.42 3.70
N THR A 860 -29.31 -26.88 4.36
CA THR A 860 -29.51 -25.43 4.43
C THR A 860 -29.73 -25.14 5.92
N SER A 861 -29.93 -23.87 6.29
CA SER A 861 -30.13 -23.46 7.69
C SER A 861 -30.18 -21.92 7.72
N PRO A 862 -30.81 -21.34 8.76
CA PRO A 862 -30.95 -19.88 8.88
C PRO A 862 -29.65 -19.08 8.84
N HIS A 863 -28.61 -19.53 9.55
CA HIS A 863 -27.31 -18.86 9.53
C HIS A 863 -26.64 -19.01 8.15
N PHE A 864 -26.74 -20.20 7.55
CA PHE A 864 -26.15 -20.44 6.22
C PHE A 864 -26.84 -19.53 5.16
N GLN A 865 -28.17 -19.45 5.20
CA GLN A 865 -28.95 -18.58 4.30
C GLN A 865 -28.49 -17.13 4.51
N LYS A 866 -28.28 -16.78 5.79
CA LYS A 866 -27.81 -15.45 6.17
C LYS A 866 -26.44 -15.19 5.60
N PHE A 867 -25.62 -16.24 5.55
CA PHE A 867 -24.25 -16.18 5.03
C PHE A 867 -24.33 -15.93 3.53
N GLN A 868 -25.11 -16.73 2.82
CA GLN A 868 -25.22 -16.57 1.37
C GLN A 868 -25.74 -15.20 1.03
N ASP A 869 -26.60 -14.68 1.89
CA ASP A 869 -27.19 -13.37 1.65
C ASP A 869 -26.12 -12.28 1.80
N ILE A 870 -25.33 -12.34 2.88
CA ILE A 870 -24.24 -11.39 3.13
C ILE A 870 -23.18 -11.46 2.01
N CYS A 871 -22.78 -12.68 1.61
CA CYS A 871 -21.80 -12.83 0.53
C CYS A 871 -22.24 -12.12 -0.75
N VAL A 872 -23.48 -12.39 -1.15
CA VAL A 872 -24.00 -11.82 -2.38
C VAL A 872 -24.04 -10.31 -2.28
N LYS A 873 -24.51 -9.81 -1.13
CA LYS A 873 -24.57 -8.38 -0.88
C LYS A 873 -23.17 -7.79 -0.92
N ALA A 874 -22.23 -8.54 -0.35
CA ALA A 874 -20.86 -8.08 -0.31
C ALA A 874 -20.29 -8.04 -1.70
N TYR A 875 -20.57 -9.12 -2.45
CA TYR A 875 -20.03 -9.28 -3.79
C TYR A 875 -20.55 -8.18 -4.66
N LEU A 876 -21.86 -7.94 -4.69
CA LEU A 876 -22.34 -6.90 -5.61
C LEU A 876 -21.99 -5.48 -5.21
N ALA A 877 -21.84 -5.24 -3.91
CA ALA A 877 -21.39 -3.96 -3.39
C ALA A 877 -19.99 -3.66 -3.91
N LEU A 878 -19.20 -4.70 -4.12
CA LEU A 878 -17.85 -4.46 -4.64
C LEU A 878 -17.90 -4.25 -6.14
N ARG A 879 -18.81 -4.95 -6.81
CA ARG A 879 -18.97 -4.76 -8.25
C ARG A 879 -19.37 -3.33 -8.62
N HIS A 880 -20.00 -2.59 -7.70
CA HIS A 880 -20.29 -1.18 -8.01
C HIS A 880 -19.03 -0.32 -8.07
N HIS A 881 -17.93 -0.91 -7.62
CA HIS A 881 -16.58 -0.30 -7.54
C HIS A 881 -15.56 -0.97 -8.43
N THR A 882 -16.07 -1.76 -9.35
CA THR A 882 -15.24 -2.53 -10.24
C THR A 882 -13.99 -1.86 -10.77
N ASN A 883 -14.14 -0.65 -11.26
CA ASN A 883 -12.99 0.01 -11.84
C ASN A 883 -11.92 0.31 -10.80
N LEU A 884 -12.31 0.80 -9.61
CA LEU A 884 -11.36 1.09 -8.52
C LEU A 884 -10.56 -0.18 -8.20
N LEU A 885 -11.29 -1.28 -8.04
CA LEU A 885 -10.72 -2.58 -7.70
C LEU A 885 -9.74 -3.09 -8.78
N ILE A 886 -10.14 -2.97 -10.04
CA ILE A 886 -9.28 -3.38 -11.17
C ILE A 886 -8.00 -2.58 -11.25
N ILE A 887 -8.10 -1.27 -11.03
CA ILE A 887 -6.94 -0.42 -11.13
C ILE A 887 -5.99 -0.67 -9.92
N LEU A 888 -6.54 -0.88 -8.72
CA LEU A 888 -5.71 -1.22 -7.56
C LEU A 888 -5.04 -2.57 -7.76
N PHE A 889 -5.77 -3.50 -8.31
CA PHE A 889 -5.27 -4.82 -8.52
C PHE A 889 -4.12 -4.74 -9.48
N SER A 890 -4.32 -4.04 -10.58
CA SER A 890 -3.23 -4.00 -11.53
C SER A 890 -1.99 -3.24 -11.04
N MET A 891 -2.20 -2.18 -10.26
CA MET A 891 -1.05 -1.45 -9.75
C MET A 891 -0.25 -2.25 -8.76
N MET A 892 -0.98 -2.98 -7.96
CA MET A 892 -0.42 -3.88 -7.00
C MET A 892 0.48 -4.93 -7.62
N LEU A 893 -0.01 -5.49 -8.69
CA LEU A 893 0.73 -6.48 -9.44
C LEU A 893 2.01 -5.86 -10.05
N MET A 894 1.94 -4.67 -10.61
CA MET A 894 3.09 -4.03 -11.24
C MET A 894 4.22 -3.53 -10.36
N THR A 895 3.79 -3.03 -9.21
CA THR A 895 4.68 -2.48 -8.21
C THR A 895 5.01 -3.33 -7.01
N GLY A 896 4.29 -4.43 -6.81
CA GLY A 896 4.53 -5.29 -5.66
C GLY A 896 5.02 -6.69 -5.86
N MET A 897 4.70 -7.29 -7.01
CA MET A 897 5.10 -8.67 -7.39
C MET A 897 6.34 -8.74 -8.33
N PRO A 898 6.72 -9.97 -8.75
CA PRO A 898 7.78 -10.17 -9.76
C PRO A 898 7.20 -9.90 -11.15
N GLN A 899 7.87 -10.30 -12.24
CA GLN A 899 7.51 -9.83 -13.57
C GLN A 899 6.32 -10.64 -14.06
N LEU A 900 5.17 -10.03 -13.77
CA LEU A 900 3.82 -10.51 -14.04
C LEU A 900 3.34 -10.13 -15.45
N THR A 901 2.76 -11.10 -16.15
CA THR A 901 2.26 -10.90 -17.51
C THR A 901 1.22 -9.79 -17.45
N SER A 902 1.52 -8.67 -18.13
CA SER A 902 0.70 -7.44 -18.15
C SER A 902 -0.72 -7.66 -18.68
N LYS A 903 -1.01 -8.88 -19.12
CA LYS A 903 -2.34 -9.18 -19.57
C LYS A 903 -2.94 -10.26 -18.70
N GLU A 904 -2.57 -11.50 -18.99
CA GLU A 904 -3.16 -12.66 -18.35
C GLU A 904 -3.25 -12.67 -16.82
N ASP A 905 -2.17 -12.32 -16.13
CA ASP A 905 -2.27 -12.26 -14.66
C ASP A 905 -3.30 -11.27 -14.16
N ILE A 906 -3.21 -10.04 -14.67
CA ILE A 906 -4.10 -8.95 -14.29
C ILE A 906 -5.58 -9.20 -14.68
N GLU A 907 -5.77 -10.03 -15.69
CA GLU A 907 -7.09 -10.30 -16.26
C GLU A 907 -7.96 -11.14 -15.33
N TYR A 908 -7.33 -11.82 -14.38
CA TYR A 908 -8.07 -12.62 -13.41
C TYR A 908 -9.21 -11.84 -12.71
N ILE A 909 -8.89 -10.67 -12.18
CA ILE A 909 -9.85 -9.86 -11.44
C ILE A 909 -11.07 -9.45 -12.29
N ARG A 910 -10.86 -9.28 -13.59
CA ARG A 910 -11.91 -8.92 -14.50
C ARG A 910 -12.94 -10.06 -14.52
N ASP A 911 -12.41 -11.28 -14.68
CA ASP A 911 -13.21 -12.50 -14.67
C ASP A 911 -13.85 -12.67 -13.31
N ALA A 912 -13.05 -12.45 -12.27
CA ALA A 912 -13.53 -12.61 -10.89
C ALA A 912 -14.69 -11.67 -10.54
N LEU A 913 -14.60 -10.42 -11.01
CA LEU A 913 -15.66 -9.42 -10.81
C LEU A 913 -16.73 -9.54 -11.89
N THR A 914 -16.56 -10.53 -12.75
CA THR A 914 -17.54 -10.88 -13.78
C THR A 914 -18.04 -9.65 -14.55
N VAL A 915 -17.08 -8.85 -14.95
CA VAL A 915 -17.33 -7.64 -15.71
C VAL A 915 -18.15 -7.97 -16.92
N GLY A 916 -19.17 -7.17 -17.22
CA GLY A 916 -19.93 -7.35 -18.43
C GLY A 916 -21.26 -8.00 -18.20
N LYS A 917 -21.43 -8.51 -16.98
CA LYS A 917 -22.60 -9.27 -16.68
C LYS A 917 -23.55 -8.47 -15.80
N ASN A 918 -24.84 -8.84 -15.85
CA ASN A 918 -25.83 -8.16 -15.03
C ASN A 918 -25.83 -8.78 -13.65
N GLU A 919 -26.59 -8.18 -12.74
CA GLU A 919 -26.63 -8.63 -11.35
C GLU A 919 -27.01 -10.10 -11.17
N GLU A 920 -27.99 -10.56 -11.95
CA GLU A 920 -28.47 -11.94 -11.85
C GLU A 920 -27.39 -13.00 -12.10
N ASP A 921 -26.64 -12.84 -13.17
CA ASP A 921 -25.59 -13.78 -13.54
C ASP A 921 -24.44 -13.76 -12.53
N ALA A 922 -24.22 -12.59 -11.92
CA ALA A 922 -23.17 -12.40 -10.92
C ALA A 922 -23.48 -13.23 -9.67
N LYS A 923 -24.65 -13.00 -9.09
CA LYS A 923 -25.09 -13.73 -7.90
C LYS A 923 -24.93 -15.23 -8.21
N LYS A 924 -25.46 -15.64 -9.37
CA LYS A 924 -25.35 -17.02 -9.81
C LYS A 924 -23.91 -17.54 -9.77
N TYR A 925 -23.02 -16.75 -10.35
CA TYR A 925 -21.60 -17.10 -10.46
C TYR A 925 -21.01 -17.37 -9.10
N PHE A 926 -21.28 -16.47 -8.16
CA PHE A 926 -20.76 -16.61 -6.80
C PHE A 926 -21.34 -17.81 -6.06
N LEU A 927 -22.67 -17.97 -6.16
CA LEU A 927 -23.34 -19.08 -5.50
C LEU A 927 -22.75 -20.42 -5.96
N ASP A 928 -22.44 -20.55 -7.25
CA ASP A 928 -21.82 -21.77 -7.76
C ASP A 928 -20.45 -21.94 -7.13
N GLN A 929 -19.73 -20.83 -6.99
CA GLN A 929 -18.39 -20.82 -6.38
C GLN A 929 -18.48 -21.41 -4.97
N ILE A 930 -19.55 -21.03 -4.25
CA ILE A 930 -19.80 -21.52 -2.90
C ILE A 930 -20.10 -23.03 -2.92
N GLU A 931 -20.73 -23.47 -4.01
CA GLU A 931 -21.08 -24.87 -4.18
C GLU A 931 -19.81 -25.69 -4.44
N VAL A 932 -18.91 -25.17 -5.28
CA VAL A 932 -17.65 -25.86 -5.56
C VAL A 932 -16.89 -26.24 -4.30
N CYS A 933 -16.76 -25.30 -3.37
CA CYS A 933 -16.08 -25.60 -2.10
C CYS A 933 -16.74 -26.74 -1.35
N ARG A 934 -18.07 -26.73 -1.39
CA ARG A 934 -18.89 -27.74 -0.75
C ARG A 934 -18.68 -29.13 -1.35
N ASP A 935 -18.72 -29.21 -2.68
CA ASP A 935 -18.53 -30.48 -3.39
C ASP A 935 -17.13 -31.02 -3.18
N LYS A 936 -16.18 -30.09 -3.06
CA LYS A 936 -14.77 -30.41 -2.89
C LYS A 936 -14.49 -30.81 -1.42
N GLY A 937 -15.35 -30.37 -0.51
CA GLY A 937 -15.19 -30.69 0.90
C GLY A 937 -13.82 -30.34 1.46
N TRP A 938 -13.17 -31.40 1.95
CA TRP A 938 -11.84 -31.32 2.54
C TRP A 938 -10.72 -31.67 1.58
N THR A 939 -11.04 -31.94 0.32
CA THR A 939 -10.01 -32.34 -0.67
C THR A 939 -8.71 -31.52 -0.72
N VAL A 940 -8.78 -30.24 -1.12
CA VAL A 940 -7.57 -29.42 -1.24
C VAL A 940 -6.84 -29.34 0.11
N GLN A 941 -7.58 -29.09 1.19
CA GLN A 941 -7.00 -29.03 2.54
C GLN A 941 -6.18 -30.27 2.81
N PHE A 942 -6.87 -31.39 2.57
CA PHE A 942 -6.41 -32.76 2.71
C PHE A 942 -5.17 -33.01 1.86
N ASN A 943 -5.08 -32.39 0.68
CA ASN A 943 -3.94 -32.64 -0.21
C ASN A 943 -2.63 -32.24 0.45
N TRP A 944 -2.61 -31.24 1.32
CA TRP A 944 -1.34 -30.88 1.95
C TRP A 944 -0.60 -31.98 2.70
N PHE A 945 0.64 -31.63 3.05
CA PHE A 945 1.57 -32.50 3.77
C PHE A 945 2.05 -33.60 2.85
N LEU A 946 1.19 -34.03 1.92
CA LEU A 946 1.52 -35.15 1.05
C LEU A 946 2.42 -34.68 -0.10
N HIS A 947 2.17 -33.47 -0.59
CA HIS A 947 2.96 -32.89 -1.66
C HIS A 947 4.45 -32.91 -1.36
N LEU A 948 4.76 -32.84 -0.07
CA LEU A 948 6.14 -32.83 0.42
C LEU A 948 6.73 -34.22 0.46
N VAL A 949 5.94 -35.22 0.07
CA VAL A 949 6.39 -36.62 0.04
C VAL A 949 5.64 -37.37 -1.05
C1 3T8 B . -2.62 -15.17 20.75
N2 3T8 B . -2.20 -14.92 19.37
C3 3T8 B . -1.48 -15.76 18.57
O4 3T8 B . -1.08 -16.86 18.93
C5 3T8 B . -1.14 -15.31 17.19
C6 3T8 B . -0.39 -16.13 16.34
C7 3T8 B . -0.07 -15.71 15.06
C8 3T8 B . -0.52 -14.48 14.56
C9 3T8 B . -1.29 -13.65 15.41
C10 3T8 B . -1.58 -14.07 16.69
O11 3T8 B . -1.70 -12.44 14.95
C12 3T8 B . -2.46 -12.41 13.76
C13 3T8 B . -1.61 -12.09 12.54
C14 3T8 B . -0.54 -13.13 12.25
C15 3T8 B . -0.12 -14.12 13.15
S16 3T8 B . 1.11 -15.07 12.35
C17 3T8 B . 1.06 -14.19 10.84
C18 3T8 B . 0.12 -13.20 11.02
C19 3T8 B . 1.89 -14.43 9.62
O20 3T8 B . 1.78 -13.65 8.71
N21 3T8 B . 2.80 -15.46 9.43
C22 3T8 B . 3.55 -15.53 8.20
C23 3T8 B . 3.12 -16.47 10.38
C24 3T8 B . 2.55 -17.75 10.39
C25 3T8 B . 2.92 -18.66 11.38
C26 3T8 B . 3.85 -18.35 12.39
C27 3T8 B . 4.41 -17.07 12.37
C28 3T8 B . 4.06 -16.18 11.37
CL29 3T8 B . 4.77 -14.60 11.41
C30 3T8 B . 4.23 -19.35 13.45
O31 3T8 B . 5.31 -19.90 13.42
N32 3T8 B . 3.38 -19.68 14.46
C33 3T8 B . 3.74 -20.67 15.49
C34 3T8 B . 2.61 -21.71 15.59
N35 3T8 B . 1.38 -21.03 15.96
C36 3T8 B . 0.98 -20.13 14.85
C37 3T8 B . 2.05 -19.07 14.60
C38 3T8 B . 0.31 -21.99 16.23
#